data_8CZ8
#
_entry.id   8CZ8
#
_cell.length_a   83.795
_cell.length_b   83.795
_cell.length_c   230.450
_cell.angle_alpha   90.000
_cell.angle_beta   90.000
_cell.angle_gamma   120.000
#
_symmetry.space_group_name_H-M   'P 32'
#
loop_
_entity.id
_entity.type
_entity.pdbx_description
1 polymer 'scFv Anetumab'
2 polymer 'Mesothelin, cleaved form'
3 polymer 'scFv of A12 anti-mesothelin antibody'
4 non-polymer 'SULFATE ION'
5 water water
#
loop_
_entity_poly.entity_id
_entity_poly.type
_entity_poly.pdbx_seq_one_letter_code
_entity_poly.pdbx_strand_id
1 'polypeptide(L)'
;DIALTQPASVSGSPGQSITISCTGTSSDIGGYNSVSWYQQHPGKAPKLMIYGVNNRPSGVSNRFSGSKSGNTASLTISGL
QAEDEADYYCSSYDIESATPVFGGGTKLTVLGGGSGGGSGGGSGGGSQVELVQSGAEVKKPGESLKISCKGSGYSFTSYW
IGWVRQAPGKGLEWMGIIDPGDSRTRYSPSFQGQVTISADKSISTAYLQWSSLKASDTAMYYCARGQLYGGTYMDGWGQG
TLVTVSS
;
C,A
2 'polypeptide(L)'
;GSDKDTLDTLTAFYPGYLCSLSPEELSSVPPSSIWAVRPQDLDTCDPRQLDVLYPKARLAFQNMNGSEYFVKIQSFLGGA
PTEDLKALSQQNVSMDLATFMKLRTDAVLPLTVAEVQKLLGPHVEGLKAEERHRPVRDWILRQRQDDLDTLGLGLQGGI
;
M,E
3 'polypeptide(L)'
;DIQMTQSPSSLSASVGDRVTITCRSSQGIGSWLAWYQQKPEKAPQSLIYAASSLQSGVPSRFSGSGSGTDFTLTISNLQP
EDFATYYCQQYNSYPLTFGGGTKVEIKGGGSGGGSGGGSGGGSEVQLLESGGGLVQPGGSLRLSCAASGLTFRSYAMTWV
RQAPGKGLEWVSGISVSGGITYYADSVKGRFTISRDNSKNTLYLQMNSLRAEDTAVYYCAKRGAAVGSFDYWGQGTLVTV
SS
;
D,B
#
# COMPACT_ATOMS: atom_id res chain seq x y z
N ASP A 1 25.66 4.93 -12.83
CA ASP A 1 26.23 6.31 -12.95
C ASP A 1 27.73 6.30 -12.64
N ILE A 2 28.47 7.26 -13.19
CA ILE A 2 29.92 7.49 -12.96
C ILE A 2 30.08 8.63 -11.93
N ALA A 3 30.52 8.30 -10.71
CA ALA A 3 30.67 9.25 -9.58
C ALA A 3 31.99 9.04 -8.82
N LEU A 4 32.86 8.12 -9.25
CA LEU A 4 34.17 7.82 -8.60
C LEU A 4 35.29 8.11 -9.60
N THR A 5 36.43 8.63 -9.12
CA THR A 5 37.57 9.06 -9.96
C THR A 5 38.66 7.99 -9.94
N GLN A 6 39.10 7.56 -11.13
CA GLN A 6 40.28 6.68 -11.35
C GLN A 6 41.21 7.39 -12.32
N PRO A 7 42.52 7.05 -12.34
CA PRO A 7 43.40 7.50 -13.42
C PRO A 7 42.93 6.84 -14.73
N ALA A 8 43.09 7.55 -15.86
CA ALA A 8 42.76 7.08 -17.23
C ALA A 8 43.57 5.82 -17.55
N SER A 9 44.88 5.82 -17.25
CA SER A 9 45.81 4.76 -17.68
C SER A 9 46.83 4.42 -16.58
N VAL A 10 47.35 3.21 -16.63
CA VAL A 10 48.43 2.68 -15.75
C VAL A 10 49.22 1.65 -16.59
N SER A 11 50.55 1.63 -16.43
CA SER A 11 51.47 0.78 -17.23
C SER A 11 52.45 0.06 -16.30
N GLY A 12 52.89 -1.13 -16.71
CA GLY A 12 53.90 -1.94 -15.99
C GLY A 12 54.43 -3.06 -16.86
N SER A 13 55.66 -3.51 -16.61
CA SER A 13 56.33 -4.64 -17.30
C SER A 13 55.95 -5.95 -16.63
N PRO A 14 55.99 -7.11 -17.34
CA PRO A 14 55.65 -8.40 -16.73
C PRO A 14 56.49 -8.68 -15.47
N GLY A 15 55.84 -9.14 -14.40
CA GLY A 15 56.49 -9.45 -13.11
C GLY A 15 56.35 -8.31 -12.10
N GLN A 16 56.19 -7.07 -12.56
CA GLN A 16 56.08 -5.86 -11.70
C GLN A 16 54.71 -5.81 -11.01
N SER A 17 54.59 -4.93 -10.01
CA SER A 17 53.33 -4.59 -9.30
C SER A 17 52.83 -3.22 -9.77
N ILE A 18 51.53 -3.09 -10.01
CA ILE A 18 50.86 -1.78 -10.32
C ILE A 18 49.70 -1.61 -9.34
N THR A 19 49.33 -0.35 -9.08
CA THR A 19 48.23 0.05 -8.17
C THR A 19 47.30 1.01 -8.92
N ILE A 20 46.01 0.66 -8.99
CA ILE A 20 44.93 1.55 -9.51
C ILE A 20 44.17 2.07 -8.29
N SER A 21 44.12 3.40 -8.13
CA SER A 21 43.39 4.10 -7.06
C SER A 21 41.97 4.45 -7.53
N CYS A 22 41.03 4.53 -6.59
CA CYS A 22 39.61 4.87 -6.81
C CYS A 22 39.15 5.80 -5.67
N THR A 23 38.77 7.04 -5.99
CA THR A 23 38.45 8.10 -5.00
C THR A 23 36.97 8.46 -5.11
N GLY A 24 36.27 8.43 -3.98
CA GLY A 24 34.86 8.83 -3.85
C GLY A 24 34.66 9.74 -2.65
N THR A 25 33.54 9.58 -1.95
CA THR A 25 33.14 10.39 -0.77
C THR A 25 32.78 9.45 0.39
N SER A 26 32.47 10.03 1.56
CA SER A 26 32.09 9.30 2.80
C SER A 26 30.77 8.55 2.59
N SER A 27 29.98 8.93 1.57
CA SER A 27 28.66 8.33 1.24
C SER A 27 28.75 7.35 0.05
N ASP A 28 29.96 6.95 -0.37
CA ASP A 28 30.18 5.75 -1.23
C ASP A 28 31.37 4.95 -0.69
N ILE A 29 32.60 5.21 -1.17
CA ILE A 29 33.81 4.42 -0.81
C ILE A 29 34.00 4.41 0.71
N GLY A 30 33.69 5.52 1.40
CA GLY A 30 33.85 5.67 2.86
C GLY A 30 33.05 4.65 3.66
N GLY A 31 31.91 4.20 3.15
CA GLY A 31 31.03 3.24 3.83
C GLY A 31 31.68 1.88 4.02
N TYR A 32 31.22 1.12 5.01
CA TYR A 32 31.77 -0.22 5.40
C TYR A 32 31.90 -1.12 4.18
N ASN A 33 33.13 -1.52 3.86
CA ASN A 33 33.49 -2.55 2.84
C ASN A 33 32.94 -2.16 1.45
N SER A 34 32.63 -0.89 1.23
CA SER A 34 31.79 -0.44 0.08
C SER A 34 32.66 -0.15 -1.16
N VAL A 35 33.45 -1.13 -1.59
CA VAL A 35 34.19 -1.07 -2.89
C VAL A 35 34.35 -2.47 -3.48
N SER A 36 34.07 -2.61 -4.77
CA SER A 36 34.34 -3.81 -5.59
C SER A 36 35.08 -3.40 -6.86
N TRP A 37 35.70 -4.35 -7.55
CA TRP A 37 36.53 -4.11 -8.75
C TRP A 37 36.10 -5.07 -9.88
N TYR A 38 35.92 -4.53 -11.08
CA TYR A 38 35.53 -5.30 -12.29
C TYR A 38 36.62 -5.15 -13.36
N GLN A 39 37.00 -6.27 -13.95
CA GLN A 39 37.91 -6.38 -15.11
C GLN A 39 37.05 -6.53 -16.36
N GLN A 40 37.35 -5.77 -17.42
CA GLN A 40 36.69 -5.94 -18.74
C GLN A 40 37.76 -6.05 -19.83
N HIS A 41 37.83 -7.22 -20.48
CA HIS A 41 38.62 -7.47 -21.71
C HIS A 41 37.82 -7.02 -22.92
N PRO A 42 38.50 -6.66 -24.04
CA PRO A 42 37.82 -6.30 -25.28
C PRO A 42 36.74 -7.30 -25.74
N GLY A 43 35.51 -6.82 -25.92
CA GLY A 43 34.39 -7.58 -26.51
C GLY A 43 33.75 -8.55 -25.55
N LYS A 44 34.02 -8.42 -24.24
CA LYS A 44 33.53 -9.36 -23.20
C LYS A 44 32.82 -8.58 -22.10
N ALA A 45 31.92 -9.24 -21.38
CA ALA A 45 31.17 -8.67 -20.24
C ALA A 45 32.15 -8.38 -19.10
N PRO A 46 31.86 -7.42 -18.21
CA PRO A 46 32.67 -7.24 -17.01
C PRO A 46 32.73 -8.52 -16.15
N LYS A 47 33.84 -8.69 -15.44
CA LYS A 47 34.12 -9.86 -14.55
C LYS A 47 34.51 -9.34 -13.17
N LEU A 48 33.82 -9.80 -12.12
CA LEU A 48 34.12 -9.43 -10.71
C LEU A 48 35.45 -10.05 -10.30
N MET A 49 36.44 -9.21 -9.99
CA MET A 49 37.78 -9.62 -9.49
C MET A 49 37.81 -9.52 -7.97
N ILE A 50 37.24 -8.45 -7.41
CA ILE A 50 37.27 -8.18 -5.94
C ILE A 50 35.96 -7.54 -5.50
N TYR A 51 35.43 -8.00 -4.38
CA TYR A 51 34.27 -7.40 -3.65
C TYR A 51 34.66 -7.23 -2.18
N GLY A 52 34.05 -6.26 -1.51
CA GLY A 52 34.25 -6.02 -0.07
C GLY A 52 35.70 -5.68 0.24
N VAL A 53 36.31 -4.83 -0.59
CA VAL A 53 37.70 -4.28 -0.42
C VAL A 53 38.73 -5.33 -0.86
N ASN A 54 38.69 -6.55 -0.31
CA ASN A 54 39.77 -7.56 -0.52
C ASN A 54 39.25 -9.01 -0.55
N ASN A 55 37.98 -9.24 -0.88
CA ASN A 55 37.45 -10.62 -1.07
C ASN A 55 37.53 -10.98 -2.56
N ARG A 56 38.04 -12.17 -2.86
CA ARG A 56 38.15 -12.73 -4.23
C ARG A 56 37.09 -13.81 -4.41
N PRO A 57 36.25 -13.76 -5.47
CA PRO A 57 35.41 -14.90 -5.82
C PRO A 57 36.32 -16.05 -6.25
N SER A 58 35.93 -17.30 -5.96
CA SER A 58 36.69 -18.51 -6.38
C SER A 58 36.95 -18.43 -7.90
N GLY A 59 38.18 -18.75 -8.33
CA GLY A 59 38.62 -18.67 -9.74
C GLY A 59 39.23 -17.32 -10.07
N VAL A 60 39.81 -16.64 -9.09
CA VAL A 60 40.53 -15.33 -9.23
C VAL A 60 41.83 -15.42 -8.43
N SER A 61 42.98 -15.27 -9.09
CA SER A 61 44.32 -15.52 -8.50
C SER A 61 44.56 -14.56 -7.32
N ASN A 62 45.42 -14.97 -6.39
CA ASN A 62 45.85 -14.18 -5.21
C ASN A 62 46.70 -12.97 -5.65
N ARG A 63 47.03 -12.88 -6.93
CA ARG A 63 47.81 -11.75 -7.50
C ARG A 63 46.98 -10.47 -7.44
N PHE A 64 45.65 -10.58 -7.49
CA PHE A 64 44.69 -9.46 -7.34
C PHE A 64 44.34 -9.29 -5.87
N SER A 65 44.54 -8.09 -5.33
CA SER A 65 44.24 -7.71 -3.93
C SER A 65 43.81 -6.25 -3.88
N GLY A 66 43.08 -5.86 -2.84
CA GLY A 66 42.56 -4.49 -2.70
C GLY A 66 42.66 -4.01 -1.27
N SER A 67 42.79 -2.70 -1.08
CA SER A 67 42.79 -2.04 0.25
C SER A 67 41.92 -0.78 0.16
N LYS A 68 41.60 -0.20 1.32
CA LYS A 68 40.77 1.02 1.45
C LYS A 68 41.29 1.84 2.62
N SER A 69 41.42 3.15 2.43
CA SER A 69 41.87 4.14 3.44
C SER A 69 41.08 5.43 3.23
N GLY A 70 40.17 5.74 4.17
CA GLY A 70 39.20 6.84 4.03
C GLY A 70 38.35 6.66 2.78
N ASN A 71 38.39 7.64 1.88
CA ASN A 71 37.53 7.70 0.68
C ASN A 71 38.30 7.23 -0.56
N THR A 72 39.36 6.45 -0.39
CA THR A 72 40.24 5.98 -1.49
C THR A 72 40.47 4.47 -1.36
N ALA A 73 39.95 3.70 -2.31
CA ALA A 73 40.24 2.26 -2.48
C ALA A 73 41.36 2.13 -3.51
N SER A 74 42.10 1.01 -3.47
CA SER A 74 43.18 0.71 -4.43
C SER A 74 43.21 -0.78 -4.72
N LEU A 75 43.38 -1.13 -5.99
CA LEU A 75 43.54 -2.51 -6.50
C LEU A 75 45.01 -2.68 -6.89
N THR A 76 45.70 -3.64 -6.27
CA THR A 76 47.09 -4.02 -6.61
C THR A 76 47.05 -5.32 -7.42
N ILE A 77 47.76 -5.34 -8.55
CA ILE A 77 48.05 -6.57 -9.34
C ILE A 77 49.55 -6.82 -9.26
N SER A 78 49.96 -7.90 -8.59
CA SER A 78 51.39 -8.33 -8.49
C SER A 78 51.68 -9.36 -9.59
N GLY A 79 52.96 -9.53 -9.92
CA GLY A 79 53.43 -10.47 -10.96
C GLY A 79 52.63 -10.34 -12.23
N LEU A 80 52.60 -9.12 -12.81
CA LEU A 80 51.84 -8.77 -14.03
C LEU A 80 52.08 -9.82 -15.13
N GLN A 81 50.99 -10.23 -15.79
CA GLN A 81 50.99 -11.05 -17.02
C GLN A 81 50.35 -10.23 -18.15
N ALA A 82 50.62 -10.60 -19.41
CA ALA A 82 50.01 -10.00 -20.62
C ALA A 82 48.48 -10.07 -20.53
N GLU A 83 47.94 -11.16 -19.97
CA GLU A 83 46.49 -11.43 -19.81
C GLU A 83 45.80 -10.34 -18.99
N ASP A 84 46.54 -9.64 -18.11
CA ASP A 84 46.00 -8.61 -17.18
C ASP A 84 45.63 -7.33 -17.94
N GLU A 85 46.17 -7.14 -19.16
CA GLU A 85 45.86 -5.99 -20.04
C GLU A 85 44.34 -5.94 -20.27
N ALA A 86 43.70 -4.89 -19.75
CA ALA A 86 42.23 -4.75 -19.72
C ALA A 86 41.85 -3.39 -19.11
N ASP A 87 40.57 -3.08 -19.13
CA ASP A 87 39.96 -1.94 -18.39
C ASP A 87 39.57 -2.46 -17.00
N TYR A 88 39.82 -1.66 -15.96
CA TYR A 88 39.42 -1.96 -14.56
C TYR A 88 38.51 -0.85 -14.07
N TYR A 89 37.36 -1.23 -13.49
CA TYR A 89 36.33 -0.32 -12.92
C TYR A 89 36.16 -0.65 -11.44
N CYS A 90 36.30 0.35 -10.57
CA CYS A 90 35.78 0.26 -9.18
C CYS A 90 34.28 0.57 -9.24
N SER A 91 33.50 -0.02 -8.34
CA SER A 91 32.11 0.36 -8.05
C SER A 91 31.93 0.47 -6.54
N SER A 92 30.99 1.31 -6.12
CA SER A 92 30.53 1.47 -4.72
C SER A 92 29.00 1.59 -4.74
N TYR A 93 28.39 1.74 -3.56
CA TYR A 93 26.94 2.03 -3.40
C TYR A 93 26.81 3.45 -2.87
N ASP A 94 26.26 4.36 -3.68
CA ASP A 94 25.95 5.75 -3.25
C ASP A 94 24.72 5.74 -2.33
N ILE A 95 24.91 5.97 -1.03
CA ILE A 95 23.82 5.89 -0.01
C ILE A 95 22.84 7.05 -0.23
N GLU A 96 23.28 8.17 -0.82
CA GLU A 96 22.45 9.38 -1.08
C GLU A 96 21.33 9.06 -2.07
N SER A 97 21.65 8.44 -3.21
CA SER A 97 20.68 8.07 -4.29
C SER A 97 20.20 6.62 -4.11
N ALA A 98 20.84 5.85 -3.22
CA ALA A 98 20.55 4.43 -2.95
C ALA A 98 20.67 3.62 -4.26
N THR A 99 21.76 3.82 -5.01
CA THR A 99 22.08 3.06 -6.25
C THR A 99 23.58 2.82 -6.34
N PRO A 100 24.02 1.74 -7.02
CA PRO A 100 25.44 1.55 -7.35
C PRO A 100 25.99 2.68 -8.22
N VAL A 101 27.28 2.96 -8.09
CA VAL A 101 28.05 3.90 -8.97
C VAL A 101 29.33 3.20 -9.44
N PHE A 102 29.85 3.60 -10.59
CA PHE A 102 31.11 3.09 -11.19
C PHE A 102 32.15 4.21 -11.18
N GLY A 103 33.44 3.84 -11.16
CA GLY A 103 34.52 4.75 -11.56
C GLY A 103 34.56 4.88 -13.07
N GLY A 104 35.31 5.86 -13.59
CA GLY A 104 35.41 6.14 -15.03
C GLY A 104 36.19 5.07 -15.78
N GLY A 105 36.86 4.17 -15.05
CA GLY A 105 37.68 3.08 -15.65
C GLY A 105 39.14 3.49 -15.80
N THR A 106 40.04 2.52 -15.65
CA THR A 106 41.50 2.65 -15.90
C THR A 106 41.93 1.58 -16.90
N LYS A 107 42.63 1.98 -17.97
CA LYS A 107 43.25 1.06 -18.96
C LYS A 107 44.63 0.65 -18.45
N LEU A 108 44.85 -0.64 -18.20
CA LEU A 108 46.15 -1.23 -17.81
C LEU A 108 46.85 -1.75 -19.08
N THR A 109 48.01 -1.19 -19.41
CA THR A 109 48.90 -1.66 -20.50
C THR A 109 50.05 -2.46 -19.89
N VAL A 110 50.33 -3.65 -20.42
CA VAL A 110 51.50 -4.50 -20.03
C VAL A 110 52.53 -4.44 -21.15
N LEU A 111 53.72 -3.88 -20.86
CA LEU A 111 54.84 -3.71 -21.81
C LEU A 111 55.55 -5.06 -22.01
N GLN A 128 27.08 -23.33 -13.39
CA GLN A 128 25.69 -23.29 -12.85
C GLN A 128 25.07 -21.93 -13.16
N VAL A 129 25.70 -20.85 -12.67
CA VAL A 129 25.20 -19.45 -12.75
C VAL A 129 25.29 -18.99 -14.22
N GLU A 130 24.12 -18.80 -14.85
CA GLU A 130 23.96 -18.44 -16.28
C GLU A 130 22.89 -17.35 -16.38
N LEU A 131 23.23 -16.23 -17.01
CA LEU A 131 22.29 -15.15 -17.42
C LEU A 131 22.31 -15.05 -18.94
N VAL A 132 21.14 -15.20 -19.58
CA VAL A 132 21.00 -15.18 -21.07
C VAL A 132 20.10 -14.00 -21.44
N GLN A 133 20.65 -13.01 -22.16
CA GLN A 133 19.93 -11.80 -22.62
C GLN A 133 19.45 -12.02 -24.07
N SER A 134 18.45 -11.25 -24.49
CA SER A 134 17.90 -11.24 -25.88
C SER A 134 19.05 -11.00 -26.87
N GLY A 135 18.86 -11.43 -28.12
CA GLY A 135 19.80 -11.15 -29.23
C GLY A 135 19.84 -9.66 -29.54
N ALA A 136 20.74 -9.26 -30.44
CA ALA A 136 20.97 -7.85 -30.84
C ALA A 136 19.67 -7.25 -31.41
N GLU A 137 19.54 -5.93 -31.36
CA GLU A 137 18.32 -5.17 -31.78
C GLU A 137 18.72 -4.04 -32.73
N VAL A 138 17.94 -3.87 -33.81
CA VAL A 138 18.13 -2.81 -34.85
C VAL A 138 16.80 -2.04 -34.95
N LYS A 139 16.78 -0.79 -34.49
CA LYS A 139 15.53 0.00 -34.28
C LYS A 139 15.69 1.39 -34.91
N LYS A 140 14.58 2.09 -35.14
CA LYS A 140 14.54 3.50 -35.61
C LYS A 140 14.15 4.38 -34.42
N PRO A 141 14.55 5.67 -34.41
CA PRO A 141 14.15 6.59 -33.35
C PRO A 141 12.63 6.73 -33.26
N GLY A 142 12.05 6.55 -32.07
CA GLY A 142 10.61 6.70 -31.81
C GLY A 142 9.90 5.38 -31.61
N GLU A 143 10.56 4.26 -31.90
CA GLU A 143 9.99 2.88 -31.74
C GLU A 143 10.10 2.45 -30.28
N SER A 144 9.27 1.47 -29.88
CA SER A 144 9.34 0.76 -28.57
C SER A 144 10.51 -0.22 -28.58
N LEU A 145 10.98 -0.60 -27.39
CA LEU A 145 11.94 -1.72 -27.20
C LEU A 145 11.80 -2.28 -25.79
N LYS A 146 11.83 -3.61 -25.67
CA LYS A 146 11.89 -4.36 -24.40
C LYS A 146 13.00 -5.42 -24.52
N ILE A 147 14.15 -5.19 -23.87
CA ILE A 147 15.26 -6.18 -23.75
C ILE A 147 14.94 -7.07 -22.54
N SER A 148 15.22 -8.37 -22.65
CA SER A 148 14.99 -9.38 -21.59
C SER A 148 16.34 -9.98 -21.16
N CYS A 149 16.35 -10.57 -19.97
CA CYS A 149 17.50 -11.31 -19.38
C CYS A 149 16.96 -12.43 -18.49
N LYS A 150 17.20 -13.69 -18.86
CA LYS A 150 16.69 -14.89 -18.17
C LYS A 150 17.80 -15.52 -17.32
N GLY A 151 17.58 -15.62 -16.01
CA GLY A 151 18.47 -16.30 -15.05
C GLY A 151 18.11 -17.77 -14.90
N SER A 152 19.11 -18.61 -14.60
CA SER A 152 18.95 -20.07 -14.33
C SER A 152 20.13 -20.57 -13.48
N GLY A 153 19.93 -21.67 -12.75
CA GLY A 153 20.96 -22.33 -11.93
C GLY A 153 21.16 -21.65 -10.58
N TYR A 154 20.24 -20.76 -10.19
CA TYR A 154 20.24 -20.05 -8.89
C TYR A 154 18.82 -19.56 -8.60
N SER A 155 18.51 -19.31 -7.32
CA SER A 155 17.21 -18.75 -6.85
C SER A 155 17.11 -17.29 -7.27
N PHE A 156 16.24 -17.00 -8.25
CA PHE A 156 16.11 -15.70 -8.94
C PHE A 156 15.75 -14.59 -7.95
N THR A 157 15.03 -14.91 -6.87
CA THR A 157 14.50 -13.92 -5.90
C THR A 157 15.55 -13.62 -4.81
N SER A 158 16.60 -14.43 -4.69
CA SER A 158 17.63 -14.33 -3.61
C SER A 158 18.67 -13.25 -3.93
N TYR A 159 18.71 -12.76 -5.17
CA TYR A 159 19.75 -11.85 -5.70
C TYR A 159 19.09 -10.66 -6.39
N TRP A 160 19.71 -9.48 -6.26
CA TRP A 160 19.35 -8.24 -7.00
C TRP A 160 19.76 -8.40 -8.47
N ILE A 161 18.96 -7.87 -9.38
CA ILE A 161 19.33 -7.72 -10.82
C ILE A 161 19.71 -6.25 -11.04
N GLY A 162 20.86 -6.03 -11.70
CA GLY A 162 21.32 -4.70 -12.12
C GLY A 162 21.37 -4.61 -13.64
N TRP A 163 21.08 -3.44 -14.19
CA TRP A 163 21.26 -3.13 -15.63
C TRP A 163 22.39 -2.10 -15.78
N VAL A 164 23.40 -2.46 -16.57
CA VAL A 164 24.57 -1.60 -16.91
C VAL A 164 24.51 -1.32 -18.41
N ARG A 165 24.73 -0.07 -18.82
CA ARG A 165 24.97 0.27 -20.26
C ARG A 165 26.40 0.79 -20.41
N GLN A 166 27.09 0.41 -21.49
CA GLN A 166 28.22 1.20 -22.02
C GLN A 166 27.93 1.54 -23.48
N ALA A 167 27.74 2.85 -23.73
CA ALA A 167 27.82 3.48 -25.06
C ALA A 167 29.14 3.06 -25.72
N PRO A 168 29.23 3.04 -27.06
CA PRO A 168 30.44 2.57 -27.73
C PRO A 168 31.65 3.41 -27.30
N GLY A 169 32.75 2.74 -26.95
CA GLY A 169 34.05 3.35 -26.59
C GLY A 169 34.00 4.14 -25.29
N LYS A 170 32.97 3.95 -24.46
CA LYS A 170 32.76 4.71 -23.19
C LYS A 170 32.77 3.72 -22.02
N GLY A 171 32.65 4.23 -20.79
CA GLY A 171 32.71 3.43 -19.56
C GLY A 171 31.39 2.74 -19.24
N LEU A 172 31.36 1.99 -18.15
CA LEU A 172 30.14 1.32 -17.60
C LEU A 172 29.32 2.37 -16.83
N GLU A 173 27.99 2.30 -16.95
CA GLU A 173 27.03 3.06 -16.11
C GLU A 173 25.97 2.10 -15.55
N TRP A 174 25.76 2.10 -14.23
CA TRP A 174 24.57 1.48 -13.58
C TRP A 174 23.33 2.30 -13.98
N MET A 175 22.31 1.64 -14.52
CA MET A 175 21.03 2.27 -14.92
C MET A 175 20.05 2.16 -13.75
N GLY A 176 19.91 0.95 -13.20
CA GLY A 176 19.04 0.70 -12.04
C GLY A 176 19.19 -0.70 -11.52
N ILE A 177 18.49 -0.99 -10.42
CA ILE A 177 18.52 -2.27 -9.68
C ILE A 177 17.07 -2.65 -9.36
N ILE A 178 16.77 -3.95 -9.34
CA ILE A 178 15.41 -4.47 -9.01
C ILE A 178 15.56 -5.71 -8.12
N ASP A 179 14.78 -5.77 -7.04
CA ASP A 179 14.60 -6.98 -6.18
C ASP A 179 13.49 -7.80 -6.82
N PRO A 180 13.80 -8.93 -7.50
CA PRO A 180 12.78 -9.68 -8.23
C PRO A 180 11.68 -10.26 -7.33
N GLY A 181 11.98 -10.43 -6.03
CA GLY A 181 11.00 -10.84 -4.99
C GLY A 181 9.74 -9.97 -5.03
N ASP A 182 9.88 -8.68 -4.71
CA ASP A 182 8.76 -7.73 -4.49
C ASP A 182 8.67 -6.70 -5.63
N SER A 183 9.55 -6.80 -6.65
CA SER A 183 9.65 -5.87 -7.80
C SER A 183 9.99 -4.44 -7.32
N ARG A 184 10.64 -4.31 -6.17
CA ARG A 184 11.13 -3.01 -5.65
C ARG A 184 12.29 -2.55 -6.55
N THR A 185 12.21 -1.33 -7.07
CA THR A 185 13.03 -0.80 -8.19
C THR A 185 13.56 0.59 -7.86
N ARG A 186 14.86 0.82 -8.10
CA ARG A 186 15.56 2.12 -7.94
C ARG A 186 16.40 2.37 -9.20
N TYR A 187 16.32 3.59 -9.75
CA TYR A 187 17.11 4.03 -10.92
C TYR A 187 18.17 5.03 -10.46
N SER A 188 19.34 5.02 -11.10
CA SER A 188 20.41 6.04 -10.93
C SER A 188 19.83 7.41 -11.29
N PRO A 189 20.26 8.51 -10.64
CA PRO A 189 19.71 9.83 -10.93
C PRO A 189 19.56 10.12 -12.43
N SER A 190 20.56 9.76 -13.23
CA SER A 190 20.68 10.15 -14.66
C SER A 190 19.72 9.34 -15.54
N PHE A 191 19.21 8.19 -15.05
CA PHE A 191 18.30 7.29 -15.82
C PHE A 191 16.87 7.32 -15.28
N GLN A 192 16.59 8.13 -14.25
CA GLN A 192 15.22 8.31 -13.68
C GLN A 192 14.31 8.85 -14.78
N GLY A 193 13.25 8.10 -15.12
CA GLY A 193 12.17 8.53 -16.05
C GLY A 193 12.55 8.41 -17.51
N GLN A 194 13.74 7.85 -17.83
CA GLN A 194 14.22 7.65 -19.22
C GLN A 194 13.92 6.21 -19.67
N VAL A 195 13.75 5.29 -18.72
CA VAL A 195 13.75 3.81 -18.96
C VAL A 195 12.90 3.15 -17.86
N THR A 196 12.42 1.93 -18.10
CA THR A 196 11.61 1.13 -17.14
C THR A 196 12.28 -0.25 -16.94
N ILE A 197 12.54 -0.62 -15.69
CA ILE A 197 13.11 -1.94 -15.28
C ILE A 197 12.02 -2.70 -14.53
N SER A 198 11.86 -3.99 -14.85
CA SER A 198 10.80 -4.86 -14.26
C SER A 198 11.27 -6.31 -14.25
N ALA A 199 10.57 -7.17 -13.51
CA ALA A 199 10.87 -8.61 -13.34
C ALA A 199 9.58 -9.43 -13.44
N ASP A 200 9.69 -10.62 -14.05
CA ASP A 200 8.65 -11.69 -14.01
C ASP A 200 9.26 -12.88 -13.26
N LYS A 201 9.01 -12.95 -11.94
CA LYS A 201 9.59 -13.95 -11.00
C LYS A 201 9.37 -15.37 -11.53
N SER A 202 8.20 -15.66 -12.09
CA SER A 202 7.73 -17.03 -12.44
C SER A 202 8.56 -17.65 -13.58
N ILE A 203 9.15 -16.83 -14.45
CA ILE A 203 9.99 -17.29 -15.61
C ILE A 203 11.43 -16.78 -15.47
N SER A 204 11.84 -16.40 -14.25
CA SER A 204 13.21 -15.99 -13.87
C SER A 204 13.78 -14.96 -14.86
N THR A 205 12.98 -13.95 -15.24
CA THR A 205 13.31 -12.99 -16.32
C THR A 205 13.21 -11.56 -15.79
N ALA A 206 14.22 -10.74 -16.12
CA ALA A 206 14.27 -9.29 -15.84
C ALA A 206 14.20 -8.55 -17.18
N TYR A 207 13.70 -7.32 -17.17
CA TYR A 207 13.38 -6.52 -18.39
C TYR A 207 13.93 -5.10 -18.26
N LEU A 208 14.36 -4.53 -19.39
CA LEU A 208 14.66 -3.09 -19.59
C LEU A 208 13.83 -2.61 -20.78
N GLN A 209 13.25 -1.41 -20.70
CA GLN A 209 12.14 -0.96 -21.58
C GLN A 209 12.25 0.55 -21.86
N TRP A 210 12.13 0.94 -23.14
CA TRP A 210 12.00 2.34 -23.62
C TRP A 210 10.62 2.52 -24.27
N SER A 211 9.94 3.63 -23.97
CA SER A 211 8.69 4.06 -24.67
C SER A 211 9.04 4.51 -26.09
N SER A 212 10.02 5.42 -26.22
CA SER A 212 10.45 6.05 -27.49
C SER A 212 11.98 6.20 -27.51
N LEU A 213 12.66 5.38 -28.31
CA LEU A 213 14.15 5.36 -28.46
C LEU A 213 14.63 6.66 -29.13
N LYS A 214 15.78 7.16 -28.68
CA LYS A 214 16.57 8.23 -29.34
C LYS A 214 17.84 7.57 -29.90
N ALA A 215 18.56 8.26 -30.80
CA ALA A 215 19.84 7.79 -31.39
C ALA A 215 20.87 7.52 -30.29
N SER A 216 20.86 8.32 -29.22
CA SER A 216 21.81 8.28 -28.09
C SER A 216 21.62 7.02 -27.21
N ASP A 217 20.57 6.22 -27.45
CA ASP A 217 20.31 4.95 -26.71
C ASP A 217 21.12 3.80 -27.31
N THR A 218 21.82 4.06 -28.43
CA THR A 218 22.74 3.09 -29.07
C THR A 218 23.86 2.75 -28.07
N ALA A 219 23.92 1.51 -27.61
CA ALA A 219 24.89 1.01 -26.60
C ALA A 219 24.80 -0.51 -26.46
N MET A 220 25.78 -1.08 -25.76
CA MET A 220 25.74 -2.45 -25.17
C MET A 220 25.02 -2.36 -23.82
N TYR A 221 24.08 -3.28 -23.55
CA TYR A 221 23.28 -3.32 -22.30
C TYR A 221 23.51 -4.68 -21.63
N TYR A 222 24.03 -4.67 -20.41
CA TYR A 222 24.32 -5.87 -19.58
C TYR A 222 23.33 -5.95 -18.40
N CYS A 223 22.80 -7.15 -18.14
CA CYS A 223 22.13 -7.51 -16.85
C CYS A 223 23.16 -8.24 -16.00
N ALA A 224 23.11 -8.07 -14.69
CA ALA A 224 23.98 -8.74 -13.71
C ALA A 224 23.15 -9.12 -12.47
N ARG A 225 23.60 -10.17 -11.78
CA ARG A 225 23.01 -10.66 -10.51
C ARG A 225 24.04 -10.48 -9.40
N GLY A 226 23.59 -10.14 -8.20
CA GLY A 226 24.46 -10.10 -7.00
C GLY A 226 23.78 -9.42 -5.82
N GLN A 227 24.60 -8.92 -4.89
CA GLN A 227 24.14 -8.19 -3.68
C GLN A 227 24.57 -6.73 -3.79
N LEU A 228 23.93 -5.84 -3.04
CA LEU A 228 24.24 -4.39 -3.03
C LEU A 228 25.34 -4.09 -2.01
N TYR A 229 25.65 -5.03 -1.11
CA TYR A 229 26.76 -4.88 -0.12
C TYR A 229 28.09 -5.16 -0.81
N GLY A 230 29.20 -4.88 -0.12
CA GLY A 230 30.57 -5.00 -0.64
C GLY A 230 30.81 -4.05 -1.81
N GLY A 231 30.17 -2.87 -1.81
CA GLY A 231 30.32 -1.84 -2.85
C GLY A 231 29.65 -2.24 -4.15
N THR A 232 28.67 -3.15 -4.08
CA THR A 232 27.90 -3.74 -5.21
C THR A 232 28.65 -4.97 -5.72
N TYR A 233 28.18 -6.15 -5.29
CA TYR A 233 28.84 -7.47 -5.39
C TYR A 233 28.08 -8.30 -6.44
N MET A 234 28.35 -8.03 -7.71
CA MET A 234 27.66 -8.62 -8.89
C MET A 234 28.61 -9.59 -9.59
N ASP A 235 28.50 -10.88 -9.27
CA ASP A 235 29.44 -11.94 -9.71
C ASP A 235 28.90 -12.68 -10.95
N GLY A 236 27.61 -12.49 -11.27
CA GLY A 236 26.96 -13.10 -12.45
C GLY A 236 26.58 -12.05 -13.49
N TRP A 237 26.93 -12.28 -14.76
CA TRP A 237 26.79 -11.28 -15.86
C TRP A 237 26.24 -11.96 -17.11
N GLY A 238 25.31 -11.31 -17.81
CA GLY A 238 24.87 -11.72 -19.16
C GLY A 238 25.97 -11.48 -20.18
N GLN A 239 25.77 -11.96 -21.41
CA GLN A 239 26.73 -11.79 -22.54
C GLN A 239 26.57 -10.38 -23.13
N GLY A 240 25.50 -9.67 -22.76
CA GLY A 240 25.17 -8.32 -23.26
C GLY A 240 24.21 -8.36 -24.44
N THR A 241 23.44 -7.29 -24.61
CA THR A 241 22.54 -7.04 -25.77
C THR A 241 22.97 -5.74 -26.47
N LEU A 242 23.44 -5.84 -27.71
CA LEU A 242 23.77 -4.67 -28.57
C LEU A 242 22.46 -4.05 -29.06
N VAL A 243 22.28 -2.75 -28.87
CA VAL A 243 21.10 -1.98 -29.36
C VAL A 243 21.59 -0.84 -30.27
N THR A 244 21.27 -0.92 -31.56
CA THR A 244 21.61 0.09 -32.59
C THR A 244 20.35 0.88 -32.94
N VAL A 245 20.38 2.20 -32.82
CA VAL A 245 19.24 3.11 -33.15
C VAL A 245 19.69 4.10 -34.23
N SER A 246 19.20 3.90 -35.47
CA SER A 246 19.40 4.81 -36.64
C SER A 246 18.29 4.56 -37.66
N THR B 11 19.52 8.73 19.84
CA THR B 11 20.19 8.37 18.56
C THR B 11 19.33 8.86 17.38
N ALA B 12 19.83 8.66 16.16
CA ALA B 12 19.28 9.21 14.90
C ALA B 12 18.41 8.18 14.17
N PHE B 13 18.26 6.98 14.74
CA PHE B 13 17.55 5.82 14.12
C PHE B 13 16.04 5.94 14.39
N TYR B 14 15.62 6.84 15.29
CA TYR B 14 14.21 7.05 15.69
C TYR B 14 13.52 8.01 14.72
N PRO B 15 12.19 7.86 14.49
CA PRO B 15 11.49 8.67 13.50
C PRO B 15 11.34 10.15 13.90
N GLY B 16 11.23 10.43 15.20
CA GLY B 16 11.07 11.79 15.75
C GLY B 16 12.37 12.57 15.79
N TYR B 17 13.47 11.99 15.30
CA TYR B 17 14.84 12.58 15.40
C TYR B 17 14.91 13.91 14.65
N LEU B 18 14.50 13.93 13.38
CA LEU B 18 14.60 15.12 12.49
C LEU B 18 14.01 16.34 13.21
N CYS B 19 12.79 16.22 13.72
CA CYS B 19 12.01 17.35 14.32
C CYS B 19 12.35 17.51 15.81
N SER B 20 13.26 16.70 16.35
CA SER B 20 13.86 16.90 17.71
C SER B 20 14.97 17.95 17.62
N LEU B 21 15.48 18.23 16.42
CA LEU B 21 16.53 19.26 16.14
C LEU B 21 15.87 20.64 16.00
N SER B 22 16.55 21.68 16.48
CA SER B 22 16.10 23.11 16.41
C SER B 22 16.16 23.60 14.97
N PRO B 23 15.47 24.71 14.62
CA PRO B 23 15.63 25.35 13.31
C PRO B 23 17.09 25.64 12.93
N GLU B 24 17.91 26.03 13.91
CA GLU B 24 19.35 26.35 13.72
C GLU B 24 20.10 25.09 13.28
N GLU B 25 19.92 23.98 14.02
CA GLU B 25 20.56 22.66 13.71
C GLU B 25 20.08 22.13 12.35
N LEU B 26 18.80 22.34 12.00
CA LEU B 26 18.17 21.80 10.77
C LEU B 26 18.76 22.46 9.51
N SER B 27 19.47 23.58 9.65
CA SER B 27 20.18 24.29 8.55
C SER B 27 21.19 23.35 7.86
N SER B 28 21.85 22.47 8.61
CA SER B 28 22.92 21.55 8.12
C SER B 28 22.34 20.40 7.28
N VAL B 29 21.03 20.11 7.37
CA VAL B 29 20.37 18.99 6.63
C VAL B 29 20.60 19.20 5.13
N PRO B 30 21.21 18.23 4.41
CA PRO B 30 21.49 18.40 2.98
C PRO B 30 20.26 18.16 2.10
N PRO B 31 19.93 19.10 1.18
CA PRO B 31 18.78 18.92 0.29
C PRO B 31 18.70 17.55 -0.41
N SER B 32 19.83 16.88 -0.61
CA SER B 32 19.91 15.54 -1.26
C SER B 32 19.35 14.44 -0.34
N SER B 33 19.03 14.75 0.93
CA SER B 33 18.43 13.82 1.93
C SER B 33 16.89 13.87 1.86
N ILE B 34 16.32 15.00 1.46
CA ILE B 34 14.87 15.34 1.63
C ILE B 34 13.99 14.26 0.98
N TRP B 35 14.48 13.57 -0.06
CA TRP B 35 13.72 12.53 -0.82
C TRP B 35 13.36 11.35 0.11
N ALA B 36 14.21 11.05 1.10
CA ALA B 36 14.09 9.91 2.03
C ALA B 36 13.24 10.28 3.26
N VAL B 37 13.06 11.58 3.52
CA VAL B 37 12.19 12.11 4.60
C VAL B 37 10.73 11.72 4.30
N ARG B 38 10.18 10.77 5.07
CA ARG B 38 8.78 10.30 4.92
C ARG B 38 7.83 11.30 5.57
N PRO B 39 6.54 11.35 5.16
CA PRO B 39 5.56 12.21 5.83
C PRO B 39 5.49 12.01 7.35
N GLN B 40 5.69 10.78 7.82
CA GLN B 40 5.71 10.39 9.27
C GLN B 40 6.74 11.23 10.04
N ASP B 41 7.88 11.56 9.42
CA ASP B 41 9.03 12.22 10.09
C ASP B 41 8.67 13.69 10.41
N LEU B 42 7.67 14.27 9.73
CA LEU B 42 7.31 15.71 9.84
C LEU B 42 6.11 15.92 10.77
N ASP B 43 5.65 14.85 11.44
CA ASP B 43 4.46 14.86 12.33
C ASP B 43 4.68 15.83 13.49
N THR B 44 5.91 15.91 14.01
CA THR B 44 6.27 16.60 15.28
C THR B 44 7.12 17.84 14.98
N CYS B 45 6.97 18.41 13.77
CA CYS B 45 7.73 19.60 13.29
C CYS B 45 6.84 20.84 13.43
N ASP B 46 7.34 21.89 14.10
CA ASP B 46 6.59 23.16 14.33
C ASP B 46 6.74 24.05 13.10
N PRO B 47 5.96 25.15 12.99
CA PRO B 47 6.08 26.06 11.86
C PRO B 47 7.48 26.64 11.61
N ARG B 48 8.22 26.97 12.68
CA ARG B 48 9.59 27.57 12.62
C ARG B 48 10.55 26.56 11.95
N GLN B 49 10.30 25.25 12.11
CA GLN B 49 11.13 24.15 11.55
C GLN B 49 10.80 23.93 10.07
N LEU B 50 9.51 23.97 9.69
CA LEU B 50 9.04 23.79 8.30
C LEU B 50 9.52 24.97 7.43
N ASP B 51 9.67 26.16 8.02
CA ASP B 51 10.23 27.36 7.33
C ASP B 51 11.65 27.07 6.85
N VAL B 52 12.41 26.24 7.59
CA VAL B 52 13.83 25.90 7.28
C VAL B 52 13.85 24.71 6.31
N LEU B 53 12.90 23.77 6.43
CA LEU B 53 12.89 22.51 5.63
C LEU B 53 12.28 22.74 4.25
N TYR B 54 11.32 23.65 4.10
CA TYR B 54 10.57 23.84 2.83
C TYR B 54 11.53 24.29 1.72
N PRO B 55 12.32 25.37 1.92
CA PRO B 55 13.29 25.81 0.91
C PRO B 55 14.26 24.70 0.46
N LYS B 56 14.65 23.81 1.38
CA LYS B 56 15.53 22.65 1.08
C LYS B 56 14.76 21.60 0.26
N ALA B 57 13.46 21.46 0.49
CA ALA B 57 12.56 20.58 -0.32
C ALA B 57 12.39 21.17 -1.72
N ARG B 58 12.28 22.50 -1.80
CA ARG B 58 12.12 23.28 -3.05
C ARG B 58 13.29 22.97 -3.99
N LEU B 59 14.53 23.10 -3.51
CA LEU B 59 15.78 22.85 -4.27
C LEU B 59 15.90 21.37 -4.64
N ALA B 60 15.53 20.45 -3.75
CA ALA B 60 15.71 18.98 -3.90
C ALA B 60 14.79 18.42 -4.99
N PHE B 61 13.67 19.09 -5.28
CA PHE B 61 12.59 18.59 -6.17
C PHE B 61 12.38 19.51 -7.39
N GLN B 62 13.18 20.57 -7.56
CA GLN B 62 12.91 21.66 -8.53
C GLN B 62 13.05 21.17 -9.98
N ASN B 63 13.77 20.07 -10.22
CA ASN B 63 13.94 19.47 -11.58
C ASN B 63 12.65 18.76 -12.03
N MET B 64 11.69 18.53 -11.11
CA MET B 64 10.40 17.83 -11.37
C MET B 64 9.29 18.86 -11.64
N ASN B 65 8.14 18.41 -12.14
CA ASN B 65 6.99 19.26 -12.55
C ASN B 65 5.66 18.57 -12.24
N GLY B 66 4.60 19.36 -12.03
CA GLY B 66 3.19 18.92 -11.98
C GLY B 66 2.91 17.91 -10.89
N SER B 67 2.19 16.83 -11.23
CA SER B 67 1.74 15.74 -10.31
C SER B 67 2.95 15.13 -9.57
N GLU B 68 4.06 14.91 -10.29
CA GLU B 68 5.31 14.31 -9.74
C GLU B 68 5.94 15.25 -8.69
N TYR B 69 5.93 16.57 -8.94
CA TYR B 69 6.49 17.60 -8.03
C TYR B 69 5.64 17.68 -6.75
N PHE B 70 4.32 17.78 -6.94
CA PHE B 70 3.33 18.04 -5.86
C PHE B 70 3.39 16.91 -4.82
N VAL B 71 3.36 15.65 -5.26
CA VAL B 71 3.35 14.46 -4.37
C VAL B 71 4.57 14.50 -3.45
N LYS B 72 5.70 15.04 -3.93
CA LYS B 72 6.99 15.14 -3.18
C LYS B 72 6.98 16.34 -2.22
N ILE B 73 6.50 17.51 -2.65
CA ILE B 73 6.54 18.80 -1.89
C ILE B 73 5.39 18.86 -0.86
N GLN B 74 4.30 18.12 -1.10
CA GLN B 74 3.02 18.15 -0.34
C GLN B 74 3.28 18.36 1.16
N SER B 75 4.07 17.48 1.79
CA SER B 75 4.27 17.40 3.26
C SER B 75 5.01 18.62 3.81
N PHE B 76 5.57 19.47 2.94
CA PHE B 76 6.44 20.62 3.32
C PHE B 76 5.71 21.95 3.09
N LEU B 77 4.51 21.94 2.50
CA LEU B 77 3.79 23.16 2.04
C LEU B 77 3.40 24.05 3.22
N GLY B 78 3.43 23.51 4.44
CA GLY B 78 3.28 24.27 5.70
C GLY B 78 4.23 25.46 5.77
N GLY B 79 5.42 25.34 5.18
CA GLY B 79 6.47 26.39 5.20
C GLY B 79 6.53 27.19 3.90
N ALA B 80 5.57 27.02 3.00
CA ALA B 80 5.52 27.68 1.68
C ALA B 80 4.93 29.08 1.80
N PRO B 81 5.58 30.12 1.22
CA PRO B 81 4.98 31.45 1.14
C PRO B 81 3.98 31.58 -0.02
N THR B 82 3.23 32.70 -0.04
CA THR B 82 2.17 33.05 -1.03
C THR B 82 2.67 32.82 -2.46
N GLU B 83 3.80 33.43 -2.83
CA GLU B 83 4.36 33.42 -4.21
C GLU B 83 4.40 31.97 -4.71
N ASP B 84 4.83 31.03 -3.87
CA ASP B 84 5.03 29.60 -4.24
C ASP B 84 3.68 28.91 -4.42
N LEU B 85 2.65 29.32 -3.65
CA LEU B 85 1.26 28.81 -3.78
C LEU B 85 0.64 29.32 -5.07
N LYS B 86 0.83 30.61 -5.41
CA LYS B 86 0.40 31.21 -6.70
C LYS B 86 1.04 30.44 -7.86
N ALA B 87 2.36 30.25 -7.82
CA ALA B 87 3.15 29.49 -8.82
C ALA B 87 2.60 28.07 -8.95
N LEU B 88 2.16 27.47 -7.83
CA LEU B 88 1.65 26.07 -7.76
C LEU B 88 0.28 25.99 -8.44
N SER B 89 -0.52 27.04 -8.35
CA SER B 89 -1.90 27.12 -8.91
C SER B 89 -1.86 27.11 -10.45
N GLN B 90 -0.76 27.58 -11.05
CA GLN B 90 -0.58 27.65 -12.53
C GLN B 90 -0.31 26.25 -13.10
N GLN B 91 0.27 25.34 -12.31
CA GLN B 91 0.72 23.99 -12.76
C GLN B 91 -0.36 22.93 -12.49
N ASN B 92 -1.64 23.30 -12.56
CA ASN B 92 -2.83 22.41 -12.39
C ASN B 92 -2.46 21.17 -11.57
N VAL B 93 -2.22 21.35 -10.27
CA VAL B 93 -1.71 20.31 -9.33
C VAL B 93 -2.86 19.60 -8.59
N SER B 94 -4.02 20.23 -8.41
CA SER B 94 -5.22 19.65 -7.75
C SER B 94 -4.87 19.15 -6.33
N MET B 95 -4.57 20.10 -5.45
CA MET B 95 -4.34 19.90 -3.98
C MET B 95 -5.65 19.50 -3.31
N ASP B 96 -5.61 18.53 -2.39
CA ASP B 96 -6.79 18.07 -1.61
C ASP B 96 -7.07 19.06 -0.46
N LEU B 97 -8.29 19.06 0.06
CA LEU B 97 -8.79 20.07 1.01
C LEU B 97 -8.04 19.95 2.35
N ALA B 98 -7.67 18.73 2.76
CA ALA B 98 -6.95 18.43 4.02
C ALA B 98 -5.56 19.10 4.02
N THR B 99 -4.87 19.10 2.87
CA THR B 99 -3.56 19.78 2.67
C THR B 99 -3.76 21.30 2.73
N PHE B 100 -4.77 21.81 2.03
CA PHE B 100 -5.11 23.26 1.98
C PHE B 100 -5.39 23.80 3.39
N MET B 101 -6.05 23.01 4.25
CA MET B 101 -6.48 23.44 5.60
C MET B 101 -5.29 23.50 6.56
N LYS B 102 -4.14 22.92 6.18
CA LYS B 102 -2.88 22.91 7.00
C LYS B 102 -1.95 24.06 6.58
N LEU B 103 -2.25 24.77 5.48
CA LEU B 103 -1.46 25.93 5.01
C LEU B 103 -1.54 27.04 6.06
N ARG B 104 -0.48 27.86 6.17
CA ARG B 104 -0.41 29.03 7.09
C ARG B 104 -1.37 30.11 6.58
N THR B 105 -2.13 30.73 7.48
CA THR B 105 -3.18 31.75 7.19
C THR B 105 -2.60 32.88 6.34
N ASP B 106 -1.45 33.44 6.75
CA ASP B 106 -0.81 34.60 6.08
C ASP B 106 -0.49 34.25 4.61
N ALA B 107 -0.17 32.98 4.31
CA ALA B 107 0.18 32.49 2.95
C ALA B 107 -1.08 32.38 2.07
N VAL B 108 -2.24 32.11 2.66
CA VAL B 108 -3.52 31.85 1.92
C VAL B 108 -4.26 33.16 1.62
N LEU B 109 -4.30 34.10 2.57
CA LEU B 109 -5.15 35.34 2.52
C LEU B 109 -5.00 36.06 1.18
N PRO B 110 -3.78 36.40 0.71
CA PRO B 110 -3.62 37.14 -0.54
C PRO B 110 -3.98 36.39 -1.84
N LEU B 111 -4.27 35.09 -1.78
CA LEU B 111 -4.73 34.29 -2.96
C LEU B 111 -6.06 34.85 -3.46
N THR B 112 -6.29 34.80 -4.77
CA THR B 112 -7.56 35.23 -5.42
C THR B 112 -8.51 34.03 -5.50
N VAL B 113 -9.78 34.29 -5.82
CA VAL B 113 -10.82 33.24 -6.00
C VAL B 113 -10.36 32.28 -7.10
N ALA B 114 -9.93 32.82 -8.24
CA ALA B 114 -9.42 32.05 -9.41
C ALA B 114 -8.29 31.12 -8.98
N GLU B 115 -7.36 31.61 -8.15
CA GLU B 115 -6.13 30.88 -7.75
C GLU B 115 -6.48 29.73 -6.81
N VAL B 116 -7.38 29.96 -5.85
CA VAL B 116 -7.85 28.92 -4.88
C VAL B 116 -8.62 27.82 -5.64
N GLN B 117 -9.44 28.19 -6.63
CA GLN B 117 -10.22 27.22 -7.44
C GLN B 117 -9.27 26.34 -8.27
N LYS B 118 -8.18 26.91 -8.78
CA LYS B 118 -7.17 26.16 -9.57
C LYS B 118 -6.35 25.27 -8.63
N LEU B 119 -6.00 25.75 -7.44
CA LEU B 119 -5.26 24.98 -6.40
C LEU B 119 -6.06 23.72 -6.02
N LEU B 120 -7.33 23.85 -5.68
CA LEU B 120 -8.16 22.75 -5.12
C LEU B 120 -8.72 21.86 -6.25
N GLY B 121 -8.86 22.38 -7.45
CA GLY B 121 -9.52 21.67 -8.57
C GLY B 121 -10.87 21.12 -8.13
N PRO B 122 -11.10 19.79 -8.19
CA PRO B 122 -12.41 19.23 -7.87
C PRO B 122 -12.69 19.15 -6.36
N HIS B 123 -11.67 19.41 -5.52
CA HIS B 123 -11.78 19.40 -4.04
C HIS B 123 -12.46 20.67 -3.53
N VAL B 124 -12.61 21.68 -4.40
CA VAL B 124 -13.33 22.96 -4.12
C VAL B 124 -14.79 22.65 -3.71
N GLU B 125 -15.34 21.52 -4.18
CA GLU B 125 -16.75 21.13 -3.92
C GLU B 125 -16.98 20.94 -2.41
N GLY B 126 -15.94 20.65 -1.64
CA GLY B 126 -16.02 20.39 -0.18
C GLY B 126 -15.73 21.61 0.68
N LEU B 127 -15.55 22.78 0.07
CA LEU B 127 -15.07 24.03 0.73
C LEU B 127 -16.18 24.64 1.61
N LYS B 128 -17.45 24.38 1.30
CA LYS B 128 -18.63 24.91 2.03
C LYS B 128 -18.60 24.43 3.48
N ALA B 129 -18.25 23.16 3.71
CA ALA B 129 -18.20 22.52 5.05
C ALA B 129 -17.07 23.12 5.91
N GLU B 130 -16.06 23.73 5.30
CA GLU B 130 -14.90 24.33 6.03
C GLU B 130 -15.02 25.85 6.09
N GLU B 131 -16.15 26.44 5.68
CA GLU B 131 -16.28 27.91 5.46
C GLU B 131 -16.12 28.67 6.79
N ARG B 132 -16.32 28.00 7.93
CA ARG B 132 -16.21 28.61 9.29
C ARG B 132 -14.85 28.33 9.93
N HIS B 133 -14.02 27.46 9.35
CA HIS B 133 -12.78 26.91 9.96
C HIS B 133 -11.53 27.69 9.52
N ARG B 134 -10.45 27.54 10.29
CA ARG B 134 -9.33 28.52 10.47
C ARG B 134 -8.98 29.20 9.15
N PRO B 135 -8.27 28.55 8.19
CA PRO B 135 -7.69 29.28 7.06
C PRO B 135 -8.76 29.89 6.12
N VAL B 136 -9.80 29.11 5.81
CA VAL B 136 -10.83 29.44 4.78
C VAL B 136 -11.67 30.63 5.24
N ARG B 137 -12.14 30.58 6.50
CA ARG B 137 -12.91 31.67 7.15
C ARG B 137 -12.17 33.00 6.92
N ASP B 138 -10.91 33.08 7.35
CA ASP B 138 -10.06 34.30 7.25
C ASP B 138 -10.04 34.78 5.80
N TRP B 139 -9.85 33.85 4.86
CA TRP B 139 -9.77 34.12 3.39
C TRP B 139 -11.10 34.66 2.86
N ILE B 140 -12.22 34.03 3.24
CA ILE B 140 -13.60 34.42 2.81
C ILE B 140 -13.89 35.87 3.23
N LEU B 141 -13.49 36.27 4.44
CA LEU B 141 -13.78 37.61 5.03
C LEU B 141 -13.09 38.72 4.22
N ARG B 142 -12.09 38.41 3.41
CA ARG B 142 -11.29 39.40 2.63
C ARG B 142 -11.74 39.40 1.16
N GLN B 143 -12.69 38.56 0.77
CA GLN B 143 -13.14 38.40 -0.64
C GLN B 143 -14.47 39.14 -0.85
N ARG B 144 -14.66 39.72 -2.03
CA ARG B 144 -15.93 40.31 -2.47
C ARG B 144 -16.95 39.18 -2.68
N GLN B 145 -18.17 39.35 -2.17
CA GLN B 145 -19.26 38.32 -2.22
C GLN B 145 -19.55 37.95 -3.67
N ASP B 146 -19.47 38.92 -4.59
CA ASP B 146 -19.77 38.73 -6.04
C ASP B 146 -18.75 37.76 -6.66
N ASP B 147 -17.51 37.77 -6.17
CA ASP B 147 -16.42 36.88 -6.62
C ASP B 147 -16.63 35.48 -6.04
N LEU B 148 -17.05 35.37 -4.77
CA LEU B 148 -17.33 34.09 -4.10
C LEU B 148 -18.49 33.37 -4.80
N ASP B 149 -19.48 34.13 -5.28
CA ASP B 149 -20.73 33.62 -5.90
C ASP B 149 -20.40 32.76 -7.13
N THR B 150 -19.30 33.03 -7.83
CA THR B 150 -18.91 32.36 -9.11
C THR B 150 -18.45 30.91 -8.84
N LEU B 151 -18.02 30.60 -7.62
CA LEU B 151 -17.58 29.22 -7.23
C LEU B 151 -18.77 28.26 -7.27
N GLY B 152 -19.99 28.78 -7.07
CA GLY B 152 -21.25 28.00 -7.12
C GLY B 152 -21.42 27.10 -5.92
N LEU B 153 -20.95 27.54 -4.74
CA LEU B 153 -20.95 26.76 -3.48
C LEU B 153 -21.95 27.34 -2.48
N GLY B 154 -22.38 28.59 -2.65
CA GLY B 154 -23.18 29.32 -1.66
C GLY B 154 -22.37 29.72 -0.44
N LEU B 155 -21.08 30.01 -0.62
CA LEU B 155 -20.19 30.58 0.43
C LEU B 155 -20.75 31.96 0.83
N GLN B 156 -20.68 32.31 2.12
CA GLN B 156 -21.28 33.55 2.66
C GLN B 156 -20.26 34.28 3.55
N GLY B 157 -20.36 35.61 3.61
CA GLY B 157 -19.59 36.48 4.52
C GLY B 157 -18.44 37.20 3.82
N GLY B 158 -18.70 37.78 2.65
CA GLY B 158 -17.79 38.69 1.92
C GLY B 158 -18.24 40.13 2.05
N THR C 11 24.32 13.18 6.63
CA THR C 11 25.09 12.01 7.12
C THR C 11 24.14 10.84 7.39
N ALA C 12 23.29 10.95 8.41
CA ALA C 12 22.49 9.84 9.00
C ALA C 12 21.05 9.84 8.47
N PHE C 13 20.71 10.80 7.62
CA PHE C 13 19.33 11.03 7.10
C PHE C 13 19.03 10.10 5.92
N TYR C 14 20.08 9.46 5.36
CA TYR C 14 20.00 8.60 4.15
C TYR C 14 19.65 7.17 4.56
N PRO C 15 18.94 6.39 3.70
CA PRO C 15 18.52 5.04 4.05
C PRO C 15 19.67 4.03 4.18
N GLY C 16 20.75 4.22 3.39
CA GLY C 16 21.93 3.34 3.37
C GLY C 16 22.84 3.53 4.57
N TYR C 17 22.51 4.46 5.47
CA TYR C 17 23.36 4.87 6.61
C TYR C 17 23.60 3.68 7.55
N LEU C 18 22.54 3.01 7.99
CA LEU C 18 22.60 1.90 8.97
C LEU C 18 23.66 0.87 8.53
N CYS C 19 23.59 0.41 7.29
CA CYS C 19 24.45 -0.68 6.74
C CYS C 19 25.77 -0.12 6.18
N SER C 20 25.99 1.20 6.27
CA SER C 20 27.30 1.85 6.00
C SER C 20 28.22 1.71 7.24
N LEU C 21 27.63 1.41 8.41
CA LEU C 21 28.35 1.16 9.69
C LEU C 21 28.84 -0.29 9.72
N SER C 22 30.03 -0.51 10.30
CA SER C 22 30.67 -1.85 10.47
C SER C 22 29.89 -2.66 11.51
N PRO C 23 30.06 -4.00 11.53
CA PRO C 23 29.51 -4.83 12.60
C PRO C 23 29.87 -4.34 14.02
N GLU C 24 31.08 -3.84 14.20
CA GLU C 24 31.61 -3.32 15.49
C GLU C 24 30.79 -2.08 15.90
N GLU C 25 30.62 -1.11 15.00
CA GLU C 25 29.83 0.13 15.23
C GLU C 25 28.36 -0.21 15.51
N LEU C 26 27.81 -1.21 14.80
CA LEU C 26 26.37 -1.59 14.87
C LEU C 26 26.01 -2.17 16.25
N SER C 27 27.01 -2.57 17.05
CA SER C 27 26.85 -3.10 18.43
C SER C 27 26.11 -2.07 19.31
N SER C 28 26.40 -0.78 19.13
CA SER C 28 25.87 0.32 19.99
C SER C 28 24.41 0.65 19.66
N VAL C 29 23.89 0.21 18.50
CA VAL C 29 22.47 0.46 18.08
C VAL C 29 21.54 -0.12 19.15
N PRO C 30 20.63 0.70 19.74
CA PRO C 30 19.75 0.22 20.81
C PRO C 30 18.56 -0.59 20.28
N PRO C 31 18.31 -1.80 20.85
CA PRO C 31 17.15 -2.62 20.45
C PRO C 31 15.81 -1.87 20.34
N SER C 32 15.65 -0.77 21.09
CA SER C 32 14.43 0.08 21.08
C SER C 32 14.30 0.88 19.77
N SER C 33 15.33 0.87 18.91
CA SER C 33 15.34 1.52 17.56
C SER C 33 14.76 0.60 16.48
N ILE C 34 14.92 -0.71 16.66
CA ILE C 34 14.77 -1.75 15.59
C ILE C 34 13.36 -1.67 14.98
N TRP C 35 12.34 -1.22 15.73
CA TRP C 35 10.93 -1.15 15.27
C TRP C 35 10.78 -0.16 14.11
N ALA C 36 11.64 0.88 14.07
CA ALA C 36 11.60 1.97 13.05
C ALA C 36 12.46 1.60 11.82
N VAL C 37 13.36 0.62 11.95
CA VAL C 37 14.20 0.07 10.85
C VAL C 37 13.28 -0.58 9.82
N ARG C 38 13.12 0.05 8.64
CA ARG C 38 12.29 -0.48 7.51
C ARG C 38 13.08 -1.55 6.76
N PRO C 39 12.40 -2.49 6.06
CA PRO C 39 13.08 -3.47 5.21
C PRO C 39 14.07 -2.84 4.22
N GLN C 40 13.75 -1.65 3.69
CA GLN C 40 14.60 -0.87 2.74
C GLN C 40 16.00 -0.63 3.35
N ASP C 41 16.09 -0.41 4.65
CA ASP C 41 17.35 -0.04 5.36
C ASP C 41 18.33 -1.21 5.38
N LEU C 42 17.86 -2.45 5.20
CA LEU C 42 18.66 -3.70 5.33
C LEU C 42 19.10 -4.22 3.95
N ASP C 43 18.82 -3.47 2.88
CA ASP C 43 19.11 -3.85 1.47
C ASP C 43 20.62 -4.06 1.28
N THR C 44 21.45 -3.24 1.94
CA THR C 44 22.91 -3.12 1.71
C THR C 44 23.68 -3.71 2.90
N CYS C 45 23.06 -4.62 3.67
CA CYS C 45 23.64 -5.23 4.90
C CYS C 45 24.21 -6.60 4.56
N ASP C 46 25.48 -6.86 4.91
CA ASP C 46 26.17 -8.14 4.62
C ASP C 46 25.83 -9.14 5.72
N PRO C 47 26.15 -10.44 5.57
CA PRO C 47 25.86 -11.44 6.60
C PRO C 47 26.44 -11.12 7.99
N ARG C 48 27.66 -10.58 8.05
CA ARG C 48 28.38 -10.24 9.32
C ARG C 48 27.59 -9.15 10.08
N GLN C 49 26.88 -8.28 9.36
CA GLN C 49 26.09 -7.17 9.94
C GLN C 49 24.73 -7.68 10.45
N LEU C 50 24.07 -8.59 9.70
CA LEU C 50 22.77 -9.19 10.09
C LEU C 50 22.94 -10.06 11.34
N ASP C 51 24.12 -10.68 11.51
CA ASP C 51 24.48 -11.47 12.72
C ASP C 51 24.39 -10.58 13.97
N VAL C 52 24.72 -9.29 13.83
CA VAL C 52 24.75 -8.30 14.95
C VAL C 52 23.34 -7.71 15.15
N LEU C 53 22.58 -7.53 14.07
CA LEU C 53 21.25 -6.86 14.12
C LEU C 53 20.15 -7.84 14.54
N TYR C 54 20.28 -9.13 14.21
CA TYR C 54 19.20 -10.13 14.45
C TYR C 54 18.95 -10.26 15.95
N PRO C 55 19.98 -10.52 16.81
CA PRO C 55 19.79 -10.62 18.26
C PRO C 55 19.10 -9.39 18.87
N LYS C 56 19.38 -8.20 18.33
CA LYS C 56 18.75 -6.92 18.77
C LYS C 56 17.28 -6.91 18.33
N ALA C 57 16.96 -7.47 17.17
CA ALA C 57 15.57 -7.62 16.66
C ALA C 57 14.82 -8.65 17.53
N ARG C 58 15.51 -9.72 17.94
CA ARG C 58 14.99 -10.81 18.80
C ARG C 58 14.45 -10.20 20.11
N LEU C 59 15.26 -9.41 20.80
CA LEU C 59 14.93 -8.76 22.10
C LEU C 59 13.81 -7.72 21.91
N ALA C 60 13.84 -6.95 20.81
CA ALA C 60 12.93 -5.81 20.56
C ALA C 60 11.51 -6.30 20.27
N PHE C 61 11.33 -7.54 19.82
CA PHE C 61 10.04 -8.10 19.34
C PHE C 61 9.60 -9.32 20.16
N GLN C 62 10.33 -9.69 21.23
CA GLN C 62 10.15 -11.00 21.93
C GLN C 62 8.81 -11.05 22.68
N ASN C 63 8.21 -9.89 23.00
CA ASN C 63 6.89 -9.80 23.69
C ASN C 63 5.75 -10.16 22.73
N MET C 64 6.01 -10.21 21.42
CA MET C 64 5.01 -10.54 20.36
C MET C 64 5.05 -12.04 20.03
N ASN C 65 4.05 -12.54 19.30
CA ASN C 65 3.86 -13.99 19.01
C ASN C 65 3.32 -14.19 17.59
N GLY C 66 3.64 -15.34 16.98
CA GLY C 66 3.03 -15.87 15.75
C GLY C 66 3.17 -14.93 14.55
N SER C 67 2.06 -14.71 13.83
CA SER C 67 1.98 -13.88 12.60
C SER C 67 2.53 -12.47 12.85
N GLU C 68 2.19 -11.87 14.00
CA GLU C 68 2.62 -10.49 14.38
C GLU C 68 4.13 -10.44 14.59
N TYR C 69 4.73 -11.48 15.19
CA TYR C 69 6.19 -11.60 15.46
C TYR C 69 6.94 -11.75 14.13
N PHE C 70 6.47 -12.67 13.28
CA PHE C 70 7.12 -13.07 12.02
C PHE C 70 7.25 -11.86 11.08
N VAL C 71 6.16 -11.11 10.87
CA VAL C 71 6.13 -9.91 9.98
C VAL C 71 7.24 -8.92 10.38
N LYS C 72 7.56 -8.82 11.68
CA LYS C 72 8.55 -7.88 12.25
C LYS C 72 9.97 -8.44 12.11
N ILE C 73 10.17 -9.74 12.38
CA ILE C 73 11.51 -10.40 12.40
C ILE C 73 11.95 -10.77 10.98
N GLN C 74 11.01 -10.95 10.05
CA GLN C 74 11.21 -11.48 8.67
C GLN C 74 12.54 -10.98 8.08
N SER C 75 12.72 -9.66 8.00
CA SER C 75 13.85 -8.99 7.30
C SER C 75 15.20 -9.26 7.97
N PHE C 76 15.22 -9.84 9.17
CA PHE C 76 16.43 -10.05 10.01
C PHE C 76 16.82 -11.53 10.05
N LEU C 77 16.00 -12.43 9.48
CA LEU C 77 16.13 -13.90 9.64
C LEU C 77 17.42 -14.40 8.97
N GLY C 78 18.03 -13.60 8.09
CA GLY C 78 19.36 -13.85 7.51
C GLY C 78 20.41 -14.12 8.58
N GLY C 79 20.28 -13.50 9.75
CA GLY C 79 21.23 -13.63 10.88
C GLY C 79 20.75 -14.59 11.97
N ALA C 80 19.68 -15.35 11.71
CA ALA C 80 19.06 -16.28 12.68
C ALA C 80 19.82 -17.60 12.67
N PRO C 81 20.21 -18.15 13.85
CA PRO C 81 20.78 -19.49 13.92
C PRO C 81 19.71 -20.58 13.91
N THR C 82 20.14 -21.84 13.74
CA THR C 82 19.29 -23.07 13.66
C THR C 82 18.25 -23.09 14.78
N GLU C 83 18.69 -22.98 16.03
CA GLU C 83 17.83 -23.10 17.25
C GLU C 83 16.59 -22.22 17.07
N ASP C 84 16.78 -20.99 16.58
CA ASP C 84 15.70 -19.96 16.46
C ASP C 84 14.75 -20.34 15.31
N LEU C 85 15.26 -20.99 14.26
CA LEU C 85 14.45 -21.50 13.12
C LEU C 85 13.60 -22.69 13.58
N LYS C 86 14.18 -23.61 14.35
CA LYS C 86 13.47 -24.75 14.99
C LYS C 86 12.33 -24.21 15.85
N ALA C 87 12.64 -23.27 16.75
CA ALA C 87 11.68 -22.59 17.66
C ALA C 87 10.56 -21.94 16.83
N LEU C 88 10.90 -21.39 15.67
CA LEU C 88 9.96 -20.65 14.78
C LEU C 88 8.99 -21.64 14.11
N SER C 89 9.45 -22.86 13.81
CA SER C 89 8.67 -23.94 13.13
C SER C 89 7.54 -24.43 14.05
N GLN C 90 7.73 -24.33 15.37
CA GLN C 90 6.76 -24.81 16.39
C GLN C 90 5.57 -23.85 16.49
N GLN C 91 5.74 -22.57 16.14
CA GLN C 91 4.72 -21.51 16.31
C GLN C 91 3.92 -21.32 15.01
N ASN C 92 3.64 -22.42 14.30
CA ASN C 92 2.88 -22.45 13.01
C ASN C 92 2.94 -21.06 12.36
N VAL C 93 4.15 -20.59 12.05
CA VAL C 93 4.39 -19.40 11.19
C VAL C 93 4.54 -19.98 9.78
N SER C 94 3.96 -19.33 8.78
CA SER C 94 3.96 -19.81 7.37
C SER C 94 4.95 -18.96 6.56
N MET C 95 6.25 -19.27 6.66
CA MET C 95 7.35 -18.53 5.95
C MET C 95 7.26 -18.81 4.44
N ASP C 96 7.40 -17.78 3.61
CA ASP C 96 7.35 -17.88 2.14
C ASP C 96 8.71 -18.37 1.62
N LEU C 97 8.75 -18.94 0.42
CA LEU C 97 9.93 -19.64 -0.13
C LEU C 97 11.06 -18.63 -0.40
N ALA C 98 10.72 -17.39 -0.80
CA ALA C 98 11.69 -16.31 -1.09
C ALA C 98 12.50 -15.95 0.17
N THR C 99 11.85 -15.91 1.34
CA THR C 99 12.49 -15.67 2.66
C THR C 99 13.39 -16.86 3.02
N PHE C 100 12.88 -18.08 2.85
CA PHE C 100 13.62 -19.34 3.14
C PHE C 100 14.90 -19.43 2.30
N MET C 101 14.87 -18.97 1.04
CA MET C 101 16.00 -19.08 0.09
C MET C 101 17.11 -18.07 0.44
N LYS C 102 16.81 -17.09 1.31
CA LYS C 102 17.78 -16.04 1.76
C LYS C 102 18.41 -16.44 3.10
N LEU C 103 17.94 -17.51 3.74
CA LEU C 103 18.53 -18.04 5.01
C LEU C 103 19.96 -18.52 4.72
N ARG C 104 20.84 -18.44 5.73
CA ARG C 104 22.24 -18.93 5.63
C ARG C 104 22.21 -20.47 5.61
N THR C 105 23.04 -21.07 4.75
CA THR C 105 23.16 -22.54 4.53
C THR C 105 23.38 -23.26 5.86
N ASP C 106 24.32 -22.79 6.68
CA ASP C 106 24.70 -23.41 7.98
C ASP C 106 23.48 -23.51 8.91
N ALA C 107 22.57 -22.53 8.84
CA ALA C 107 21.36 -22.45 9.70
C ALA C 107 20.29 -23.44 9.24
N VAL C 108 20.24 -23.76 7.94
CA VAL C 108 19.17 -24.60 7.32
C VAL C 108 19.53 -26.09 7.41
N LEU C 109 20.79 -26.46 7.17
CA LEU C 109 21.27 -27.87 7.00
C LEU C 109 20.74 -28.77 8.12
N PRO C 110 20.94 -28.43 9.42
CA PRO C 110 20.51 -29.31 10.50
C PRO C 110 18.99 -29.45 10.71
N LEU C 111 18.16 -28.67 10.01
CA LEU C 111 16.68 -28.79 10.08
C LEU C 111 16.24 -30.16 9.56
N THR C 112 15.17 -30.72 10.13
CA THR C 112 14.57 -32.02 9.72
C THR C 112 13.52 -31.74 8.64
N VAL C 113 13.07 -32.80 7.96
CA VAL C 113 12.01 -32.74 6.92
C VAL C 113 10.74 -32.17 7.57
N ALA C 114 10.35 -32.69 8.74
CA ALA C 114 9.16 -32.24 9.50
C ALA C 114 9.25 -30.73 9.80
N GLU C 115 10.43 -30.24 10.18
CA GLU C 115 10.64 -28.83 10.62
C GLU C 115 10.54 -27.88 9.42
N VAL C 116 11.15 -28.26 8.29
CA VAL C 116 11.11 -27.46 7.02
C VAL C 116 9.66 -27.39 6.51
N GLN C 117 8.90 -28.49 6.59
CA GLN C 117 7.49 -28.55 6.12
C GLN C 117 6.62 -27.64 7.00
N LYS C 118 6.89 -27.57 8.30
CA LYS C 118 6.14 -26.69 9.25
C LYS C 118 6.53 -25.23 9.00
N LEU C 119 7.82 -24.95 8.75
CA LEU C 119 8.32 -23.59 8.43
C LEU C 119 7.62 -23.02 7.18
N LEU C 120 7.59 -23.79 6.09
CA LEU C 120 7.13 -23.32 4.75
C LEU C 120 5.61 -23.40 4.65
N GLY C 121 4.98 -24.30 5.41
CA GLY C 121 3.53 -24.56 5.30
C GLY C 121 3.15 -24.84 3.84
N PRO C 122 2.24 -24.04 3.23
CA PRO C 122 1.79 -24.31 1.87
C PRO C 122 2.82 -23.91 0.79
N HIS C 123 3.89 -23.21 1.18
CA HIS C 123 4.98 -22.77 0.27
C HIS C 123 5.93 -23.94 -0.05
N VAL C 124 5.81 -25.05 0.67
CA VAL C 124 6.57 -26.30 0.43
C VAL C 124 6.28 -26.81 -0.99
N GLU C 125 5.11 -26.49 -1.55
CA GLU C 125 4.67 -26.94 -2.90
C GLU C 125 5.63 -26.42 -3.98
N GLY C 126 6.34 -25.32 -3.72
CA GLY C 126 7.25 -24.67 -4.68
C GLY C 126 8.70 -25.10 -4.52
N LEU C 127 8.99 -26.06 -3.65
CA LEU C 127 10.36 -26.46 -3.24
C LEU C 127 11.04 -27.28 -4.35
N LYS C 128 10.26 -27.95 -5.20
CA LYS C 128 10.76 -28.77 -6.34
C LYS C 128 11.56 -27.90 -7.30
N ALA C 129 11.05 -26.69 -7.60
CA ALA C 129 11.66 -25.75 -8.57
C ALA C 129 12.98 -25.19 -8.04
N GLU C 130 13.21 -25.23 -6.72
CA GLU C 130 14.45 -24.70 -6.07
C GLU C 130 15.38 -25.85 -5.67
N GLU C 131 15.12 -27.09 -6.09
CA GLU C 131 15.83 -28.30 -5.56
C GLU C 131 17.31 -28.27 -5.93
N ARG C 132 17.69 -27.50 -6.96
CA ARG C 132 19.08 -27.38 -7.46
C ARG C 132 19.78 -26.13 -6.90
N HIS C 133 19.04 -25.22 -6.25
CA HIS C 133 19.50 -23.86 -5.88
C HIS C 133 19.99 -23.80 -4.42
N ARG C 134 20.78 -22.77 -4.10
CA ARG C 134 21.83 -22.73 -3.05
C ARG C 134 21.38 -23.47 -1.79
N PRO C 135 20.49 -22.92 -0.93
CA PRO C 135 20.26 -23.49 0.41
C PRO C 135 19.62 -24.89 0.36
N VAL C 136 18.62 -25.07 -0.51
CA VAL C 136 17.76 -26.29 -0.56
C VAL C 136 18.57 -27.49 -1.04
N ARG C 137 19.35 -27.30 -2.13
CA ARG C 137 20.28 -28.31 -2.69
C ARG C 137 21.11 -28.89 -1.54
N ASP C 138 21.84 -28.04 -0.82
CA ASP C 138 22.75 -28.42 0.29
C ASP C 138 21.97 -29.26 1.32
N TRP C 139 20.75 -28.82 1.65
CA TRP C 139 19.86 -29.48 2.66
C TRP C 139 19.41 -30.85 2.15
N ILE C 140 18.99 -30.95 0.89
CA ILE C 140 18.52 -32.22 0.25
C ILE C 140 19.62 -33.28 0.30
N LEU C 141 20.89 -32.90 0.05
CA LEU C 141 22.06 -33.82 -0.04
C LEU C 141 22.32 -34.49 1.32
N ARG C 142 21.81 -33.93 2.42
CA ARG C 142 22.06 -34.43 3.80
C ARG C 142 20.85 -35.22 4.32
N GLN C 143 19.77 -35.32 3.54
CA GLN C 143 18.51 -35.99 3.95
C GLN C 143 18.42 -37.39 3.32
N ARG C 144 17.85 -38.33 4.06
CA ARG C 144 17.52 -39.69 3.56
C ARG C 144 16.38 -39.56 2.54
N GLN C 145 16.51 -40.25 1.40
CA GLN C 145 15.56 -40.20 0.26
C GLN C 145 14.17 -40.62 0.75
N ASP C 146 14.09 -41.57 1.68
CA ASP C 146 12.81 -42.13 2.22
C ASP C 146 12.05 -41.03 2.97
N ASP C 147 12.77 -40.11 3.62
CA ASP C 147 12.20 -38.97 4.37
C ASP C 147 11.71 -37.90 3.39
N LEU C 148 12.48 -37.64 2.33
CA LEU C 148 12.12 -36.66 1.27
C LEU C 148 10.85 -37.12 0.54
N ASP C 149 10.67 -38.43 0.36
CA ASP C 149 9.54 -39.04 -0.40
C ASP C 149 8.20 -38.65 0.23
N THR C 150 8.15 -38.43 1.56
CA THR C 150 6.91 -38.15 2.32
C THR C 150 6.38 -36.75 2.02
N LEU C 151 7.23 -35.82 1.55
CA LEU C 151 6.83 -34.43 1.18
C LEU C 151 5.90 -34.46 -0.04
N GLY C 152 5.98 -35.50 -0.87
CA GLY C 152 5.12 -35.70 -2.05
C GLY C 152 5.44 -34.73 -3.17
N LEU C 153 6.71 -34.37 -3.34
CA LEU C 153 7.18 -33.37 -4.35
C LEU C 153 7.98 -34.06 -5.46
N GLY C 154 8.47 -35.28 -5.23
CA GLY C 154 9.45 -35.93 -6.13
C GLY C 154 10.81 -35.27 -6.08
N LEU C 155 11.22 -34.76 -4.90
CA LEU C 155 12.61 -34.30 -4.62
C LEU C 155 13.57 -35.48 -4.80
N GLN C 156 14.75 -35.23 -5.37
CA GLN C 156 15.74 -36.29 -5.70
C GLN C 156 17.13 -35.89 -5.19
N GLY C 157 17.95 -36.88 -4.83
CA GLY C 157 19.36 -36.71 -4.45
C GLY C 157 19.61 -36.78 -2.96
N GLY C 158 19.01 -37.77 -2.28
CA GLY C 158 19.26 -38.10 -0.87
C GLY C 158 20.08 -39.37 -0.75
N ASP D 1 -16.24 -28.24 9.30
CA ASP D 1 -16.16 -27.81 7.87
C ASP D 1 -15.94 -26.29 7.83
N ILE D 2 -14.89 -25.82 7.15
CA ILE D 2 -14.65 -24.38 6.87
C ILE D 2 -15.47 -24.00 5.63
N GLN D 3 -16.20 -22.87 5.70
CA GLN D 3 -17.09 -22.39 4.61
C GLN D 3 -16.34 -21.32 3.79
N MET D 4 -16.35 -21.46 2.47
CA MET D 4 -15.68 -20.54 1.52
C MET D 4 -16.74 -19.83 0.67
N THR D 5 -16.77 -18.50 0.69
CA THR D 5 -17.78 -17.64 0.03
C THR D 5 -17.07 -16.80 -1.03
N GLN D 6 -17.55 -16.84 -2.28
CA GLN D 6 -16.96 -16.08 -3.41
C GLN D 6 -17.93 -14.99 -3.84
N SER D 7 -17.38 -13.83 -4.24
CA SER D 7 -18.12 -12.68 -4.79
C SER D 7 -17.31 -12.06 -5.93
N PRO D 8 -17.96 -11.59 -7.02
CA PRO D 8 -19.36 -11.91 -7.28
C PRO D 8 -19.55 -13.41 -7.59
N SER D 9 -20.81 -13.88 -7.62
CA SER D 9 -21.18 -15.26 -8.03
C SER D 9 -21.20 -15.34 -9.57
N SER D 10 -21.57 -14.24 -10.22
CA SER D 10 -21.68 -14.07 -11.68
C SER D 10 -21.10 -12.70 -12.07
N LEU D 11 -20.60 -12.55 -13.30
CA LEU D 11 -19.84 -11.35 -13.72
C LEU D 11 -19.75 -11.32 -15.26
N SER D 12 -20.05 -10.17 -15.88
CA SER D 12 -19.92 -9.93 -17.35
C SER D 12 -18.89 -8.83 -17.58
N ALA D 13 -17.87 -9.09 -18.40
CA ALA D 13 -16.78 -8.14 -18.72
C ALA D 13 -16.41 -8.25 -20.20
N SER D 14 -15.45 -7.44 -20.64
CA SER D 14 -14.96 -7.34 -22.05
C SER D 14 -13.45 -7.58 -22.07
N VAL D 15 -12.91 -7.93 -23.24
CA VAL D 15 -11.45 -8.11 -23.46
C VAL D 15 -10.77 -6.79 -23.05
N GLY D 16 -9.74 -6.87 -22.19
CA GLY D 16 -8.94 -5.71 -21.73
C GLY D 16 -9.25 -5.33 -20.29
N ASP D 17 -10.44 -5.70 -19.79
CA ASP D 17 -10.95 -5.28 -18.44
C ASP D 17 -10.11 -5.93 -17.34
N ARG D 18 -10.08 -5.30 -16.16
CA ARG D 18 -9.61 -5.90 -14.89
C ARG D 18 -10.81 -6.53 -14.18
N VAL D 19 -10.67 -7.79 -13.75
CA VAL D 19 -11.71 -8.57 -13.02
C VAL D 19 -11.17 -8.85 -11.62
N THR D 20 -11.96 -8.58 -10.58
CA THR D 20 -11.62 -8.80 -9.16
C THR D 20 -12.63 -9.78 -8.56
N ILE D 21 -12.16 -10.96 -8.13
CA ILE D 21 -12.98 -12.01 -7.47
C ILE D 21 -12.50 -12.13 -6.03
N THR D 22 -13.42 -12.03 -5.07
CA THR D 22 -13.17 -12.13 -3.61
C THR D 22 -13.49 -13.55 -3.15
N CYS D 23 -12.71 -14.07 -2.21
CA CYS D 23 -12.93 -15.36 -1.51
C CYS D 23 -12.78 -15.11 0.00
N ARG D 24 -13.79 -15.48 0.78
CA ARG D 24 -13.83 -15.29 2.26
C ARG D 24 -13.99 -16.65 2.93
N SER D 25 -13.20 -16.95 3.96
CA SER D 25 -13.29 -18.21 4.75
C SER D 25 -13.92 -17.90 6.12
N SER D 26 -14.69 -18.86 6.66
CA SER D 26 -15.41 -18.75 7.95
C SER D 26 -14.42 -18.77 9.13
N GLN D 27 -13.20 -19.26 8.92
CA GLN D 27 -12.09 -19.25 9.92
C GLN D 27 -10.79 -18.81 9.24
N GLY D 28 -9.77 -18.50 10.03
CA GLY D 28 -8.39 -18.29 9.55
C GLY D 28 -7.86 -19.53 8.87
N ILE D 29 -7.35 -19.41 7.64
CA ILE D 29 -6.73 -20.51 6.85
C ILE D 29 -5.30 -20.11 6.44
N GLY D 30 -4.73 -19.07 7.07
CA GLY D 30 -3.38 -18.57 6.77
C GLY D 30 -3.23 -18.27 5.30
N SER D 31 -2.33 -18.98 4.63
CA SER D 31 -2.08 -18.88 3.16
C SER D 31 -2.46 -20.20 2.46
N TRP D 32 -3.15 -21.11 3.15
CA TRP D 32 -3.53 -22.44 2.63
C TRP D 32 -4.71 -22.32 1.66
N LEU D 33 -4.54 -21.60 0.56
CA LEU D 33 -5.62 -21.31 -0.42
C LEU D 33 -5.11 -21.47 -1.85
N ALA D 34 -5.94 -22.07 -2.71
CA ALA D 34 -5.69 -22.27 -4.16
C ALA D 34 -6.84 -21.66 -4.97
N TRP D 35 -6.54 -21.22 -6.19
CA TRP D 35 -7.54 -20.78 -7.19
C TRP D 35 -7.51 -21.73 -8.38
N TYR D 36 -8.68 -22.12 -8.90
CA TYR D 36 -8.83 -23.03 -10.05
C TYR D 36 -9.70 -22.38 -11.13
N GLN D 37 -9.35 -22.60 -12.40
CA GLN D 37 -10.11 -22.16 -13.60
C GLN D 37 -10.81 -23.38 -14.21
N GLN D 38 -12.11 -23.30 -14.47
CA GLN D 38 -12.86 -24.35 -15.20
C GLN D 38 -13.57 -23.73 -16.39
N LYS D 39 -13.14 -24.07 -17.61
CA LYS D 39 -13.77 -23.63 -18.88
C LYS D 39 -14.95 -24.54 -19.19
N PRO D 40 -15.94 -24.06 -19.98
CA PRO D 40 -17.12 -24.86 -20.31
C PRO D 40 -16.78 -26.27 -20.80
N GLU D 41 -17.36 -27.29 -20.14
CA GLU D 41 -17.29 -28.72 -20.54
C GLU D 41 -15.84 -29.22 -20.49
N LYS D 42 -14.98 -28.60 -19.69
CA LYS D 42 -13.56 -29.01 -19.48
C LYS D 42 -13.31 -29.22 -17.98
N ALA D 43 -12.21 -29.90 -17.65
CA ALA D 43 -11.79 -30.15 -16.25
C ALA D 43 -11.11 -28.91 -15.69
N PRO D 44 -11.16 -28.69 -14.35
CA PRO D 44 -10.46 -27.56 -13.73
C PRO D 44 -8.94 -27.60 -13.95
N GLN D 45 -8.31 -26.43 -13.89
CA GLN D 45 -6.84 -26.24 -13.98
C GLN D 45 -6.38 -25.35 -12.82
N SER D 46 -5.22 -25.69 -12.23
CA SER D 46 -4.57 -24.93 -11.12
C SER D 46 -4.09 -23.57 -11.66
N LEU D 47 -4.46 -22.48 -10.98
CA LEU D 47 -3.93 -21.10 -11.24
C LEU D 47 -2.94 -20.70 -10.14
N ILE D 48 -3.36 -20.82 -8.88
CA ILE D 48 -2.65 -20.28 -7.68
C ILE D 48 -2.60 -21.37 -6.62
N TYR D 49 -1.48 -21.46 -5.89
CA TYR D 49 -1.35 -22.20 -4.61
C TYR D 49 -0.69 -21.26 -3.60
N ALA D 50 -0.84 -21.56 -2.32
CA ALA D 50 -0.26 -20.79 -1.20
C ALA D 50 -0.71 -19.32 -1.30
N ALA D 51 -1.92 -19.08 -1.80
CA ALA D 51 -2.62 -17.76 -1.83
C ALA D 51 -2.14 -16.89 -2.99
N SER D 52 -0.83 -16.86 -3.31
CA SER D 52 -0.25 -15.88 -4.27
C SER D 52 0.71 -16.50 -5.29
N SER D 53 1.16 -17.75 -5.12
CA SER D 53 2.13 -18.41 -6.04
C SER D 53 1.44 -18.84 -7.34
N LEU D 54 1.90 -18.31 -8.47
CA LEU D 54 1.43 -18.73 -9.83
C LEU D 54 1.88 -20.17 -10.09
N GLN D 55 0.96 -20.99 -10.58
CA GLN D 55 1.26 -22.33 -11.13
C GLN D 55 2.06 -22.15 -12.43
N SER D 56 2.95 -23.08 -12.74
CA SER D 56 3.79 -23.04 -13.96
C SER D 56 2.87 -23.04 -15.19
N GLY D 57 3.19 -22.21 -16.19
CA GLY D 57 2.40 -22.08 -17.44
C GLY D 57 1.37 -20.97 -17.37
N VAL D 58 0.95 -20.55 -16.17
CA VAL D 58 -0.16 -19.56 -16.00
C VAL D 58 0.37 -18.15 -16.27
N PRO D 59 -0.29 -17.38 -17.17
CA PRO D 59 0.13 -16.01 -17.45
C PRO D 59 0.19 -15.10 -16.21
N SER D 60 1.14 -14.15 -16.21
CA SER D 60 1.39 -13.17 -15.11
C SER D 60 0.17 -12.28 -14.84
N ARG D 61 -0.74 -12.15 -15.82
CA ARG D 61 -1.94 -11.28 -15.71
C ARG D 61 -2.94 -11.85 -14.69
N PHE D 62 -2.74 -13.09 -14.23
CA PHE D 62 -3.38 -13.67 -13.03
C PHE D 62 -2.50 -13.40 -11.81
N SER D 63 -3.08 -12.87 -10.73
CA SER D 63 -2.38 -12.67 -9.44
C SER D 63 -3.37 -12.87 -8.27
N GLY D 64 -2.95 -13.64 -7.27
CA GLY D 64 -3.66 -13.86 -6.02
C GLY D 64 -3.01 -13.09 -4.88
N SER D 65 -3.81 -12.59 -3.94
CA SER D 65 -3.33 -11.82 -2.78
C SER D 65 -4.23 -12.11 -1.58
N GLY D 66 -3.75 -11.77 -0.38
CA GLY D 66 -4.50 -11.93 0.88
C GLY D 66 -3.96 -13.07 1.71
N SER D 67 -4.51 -13.21 2.92
CA SER D 67 -4.21 -14.26 3.92
C SER D 67 -5.21 -14.14 5.07
N GLY D 68 -5.30 -15.15 5.92
CA GLY D 68 -6.25 -15.21 7.04
C GLY D 68 -7.62 -15.64 6.58
N THR D 69 -8.51 -14.68 6.28
CA THR D 69 -9.91 -14.94 5.86
C THR D 69 -10.26 -14.18 4.58
N ASP D 70 -9.39 -13.31 4.09
CA ASP D 70 -9.69 -12.36 2.98
C ASP D 70 -8.71 -12.61 1.83
N PHE D 71 -9.20 -13.13 0.70
CA PHE D 71 -8.40 -13.51 -0.49
C PHE D 71 -9.02 -12.88 -1.74
N THR D 72 -8.17 -12.56 -2.72
CA THR D 72 -8.54 -11.86 -3.97
C THR D 72 -7.81 -12.51 -5.15
N LEU D 73 -8.52 -12.80 -6.24
CA LEU D 73 -7.95 -13.15 -7.56
C LEU D 73 -8.21 -11.98 -8.50
N THR D 74 -7.14 -11.34 -8.98
CA THR D 74 -7.19 -10.22 -9.95
C THR D 74 -6.74 -10.76 -11.31
N ILE D 75 -7.60 -10.64 -12.32
CA ILE D 75 -7.29 -10.95 -13.75
C ILE D 75 -7.12 -9.61 -14.49
N SER D 76 -5.87 -9.21 -14.75
CA SER D 76 -5.54 -8.02 -15.57
C SER D 76 -5.74 -8.37 -17.05
N ASN D 77 -6.13 -7.39 -17.86
CA ASN D 77 -6.14 -7.49 -19.34
C ASN D 77 -6.87 -8.78 -19.75
N LEU D 78 -8.13 -8.92 -19.31
CA LEU D 78 -8.99 -10.11 -19.55
C LEU D 78 -8.94 -10.51 -21.04
N GLN D 79 -8.60 -11.77 -21.31
CA GLN D 79 -8.51 -12.34 -22.68
C GLN D 79 -9.71 -13.25 -22.93
N PRO D 80 -10.05 -13.59 -24.20
CA PRO D 80 -11.20 -14.44 -24.48
C PRO D 80 -11.09 -15.85 -23.87
N GLU D 81 -9.86 -16.36 -23.69
CA GLU D 81 -9.58 -17.70 -23.10
C GLU D 81 -9.85 -17.68 -21.59
N ASP D 82 -10.13 -16.51 -20.99
CA ASP D 82 -10.39 -16.34 -19.54
C ASP D 82 -11.88 -16.52 -19.24
N PHE D 83 -12.74 -16.54 -20.26
CA PHE D 83 -14.16 -16.99 -20.18
C PHE D 83 -14.17 -18.35 -19.47
N ALA D 84 -14.61 -18.39 -18.22
CA ALA D 84 -14.57 -19.61 -17.37
C ALA D 84 -15.24 -19.35 -16.02
N THR D 85 -15.36 -20.41 -15.21
CA THR D 85 -15.79 -20.38 -13.79
C THR D 85 -14.55 -20.53 -12.91
N TYR D 86 -14.37 -19.65 -11.91
CA TYR D 86 -13.18 -19.61 -11.03
C TYR D 86 -13.59 -20.05 -9.62
N TYR D 87 -12.94 -21.09 -9.09
CA TYR D 87 -13.18 -21.64 -7.74
C TYR D 87 -11.96 -21.35 -6.87
N CYS D 88 -12.19 -20.96 -5.60
CA CYS D 88 -11.15 -20.96 -4.54
C CYS D 88 -11.34 -22.23 -3.73
N GLN D 89 -10.29 -22.66 -3.02
CA GLN D 89 -10.26 -23.88 -2.19
C GLN D 89 -9.31 -23.68 -1.02
N GLN D 90 -9.77 -23.92 0.21
CA GLN D 90 -8.90 -24.00 1.39
C GLN D 90 -8.40 -25.44 1.51
N TYR D 91 -7.13 -25.64 1.84
CA TYR D 91 -6.53 -26.95 2.19
C TYR D 91 -5.78 -26.80 3.53
N ASN D 92 -6.32 -25.96 4.40
CA ASN D 92 -5.83 -25.74 5.79
C ASN D 92 -6.14 -26.96 6.64
N SER D 93 -7.31 -27.58 6.45
CA SER D 93 -7.82 -28.73 7.24
C SER D 93 -8.91 -29.49 6.48
N TYR D 94 -9.07 -30.78 6.79
CA TYR D 94 -10.10 -31.68 6.21
C TYR D 94 -11.44 -31.39 6.88
N PRO D 95 -12.58 -31.47 6.15
CA PRO D 95 -12.58 -31.74 4.71
C PRO D 95 -12.08 -30.53 3.89
N LEU D 96 -11.38 -30.81 2.80
CA LEU D 96 -10.96 -29.77 1.81
C LEU D 96 -12.24 -29.21 1.19
N THR D 97 -12.36 -27.88 1.13
CA THR D 97 -13.61 -27.17 0.79
C THR D 97 -13.37 -26.16 -0.33
N PHE D 98 -14.32 -26.07 -1.26
CA PHE D 98 -14.32 -25.12 -2.41
C PHE D 98 -15.39 -24.04 -2.18
N GLY D 99 -15.19 -22.87 -2.78
CA GLY D 99 -16.24 -21.83 -2.92
C GLY D 99 -17.24 -22.25 -3.99
N GLY D 100 -18.40 -21.59 -4.03
CA GLY D 100 -19.50 -21.89 -4.97
C GLY D 100 -19.17 -21.49 -6.40
N GLY D 101 -18.06 -20.77 -6.61
CA GLY D 101 -17.55 -20.41 -7.95
C GLY D 101 -18.00 -19.03 -8.37
N THR D 102 -17.28 -18.45 -9.34
CA THR D 102 -17.57 -17.13 -9.98
C THR D 102 -17.55 -17.33 -11.49
N LYS D 103 -18.72 -17.28 -12.14
CA LYS D 103 -18.84 -17.30 -13.63
C LYS D 103 -18.36 -15.96 -14.18
N VAL D 104 -17.32 -15.97 -15.02
CA VAL D 104 -16.86 -14.78 -15.79
C VAL D 104 -17.30 -14.98 -17.25
N GLU D 105 -18.20 -14.12 -17.75
CA GLU D 105 -18.79 -14.18 -19.11
C GLU D 105 -18.26 -13.01 -19.95
N ILE D 106 -18.15 -13.20 -21.27
CA ILE D 106 -17.46 -12.29 -22.23
C ILE D 106 -18.26 -12.26 -23.53
N SER D 123 -0.25 -30.69 -21.99
CA SER D 123 0.29 -30.95 -20.61
C SER D 123 1.33 -32.07 -20.68
N GLU D 124 2.42 -31.93 -19.92
CA GLU D 124 3.47 -32.98 -19.74
C GLU D 124 2.90 -34.14 -18.91
N VAL D 125 1.84 -33.90 -18.14
CA VAL D 125 1.12 -34.91 -17.31
C VAL D 125 -0.23 -35.24 -17.98
N GLN D 126 -0.66 -36.50 -17.93
CA GLN D 126 -1.98 -36.94 -18.44
C GLN D 126 -2.64 -37.85 -17.39
N LEU D 127 -3.88 -37.52 -16.98
CA LEU D 127 -4.74 -38.32 -16.09
C LEU D 127 -6.02 -38.72 -16.85
N LEU D 128 -6.22 -40.03 -17.06
CA LEU D 128 -7.38 -40.60 -17.79
C LEU D 128 -8.25 -41.41 -16.83
N GLU D 129 -9.40 -40.86 -16.42
CA GLU D 129 -10.40 -41.59 -15.61
C GLU D 129 -11.22 -42.50 -16.54
N SER D 130 -11.77 -43.58 -16.00
CA SER D 130 -12.62 -44.55 -16.71
C SER D 130 -13.48 -45.32 -15.70
N GLY D 131 -14.53 -45.99 -16.18
CA GLY D 131 -15.43 -46.84 -15.36
C GLY D 131 -16.71 -46.13 -14.97
N GLY D 132 -16.90 -44.89 -15.41
CA GLY D 132 -18.16 -44.15 -15.24
C GLY D 132 -19.30 -44.79 -16.00
N GLY D 133 -20.54 -44.52 -15.58
CA GLY D 133 -21.76 -45.03 -16.23
C GLY D 133 -22.98 -44.91 -15.33
N LEU D 134 -24.10 -45.48 -15.78
CA LEU D 134 -25.38 -45.54 -15.04
C LEU D 134 -25.32 -46.70 -14.04
N VAL D 135 -25.76 -46.47 -12.80
CA VAL D 135 -25.81 -47.46 -11.69
C VAL D 135 -27.18 -47.38 -11.02
N GLN D 136 -27.69 -48.51 -10.53
CA GLN D 136 -28.95 -48.58 -9.74
C GLN D 136 -28.67 -48.15 -8.31
N PRO D 137 -29.62 -47.47 -7.62
CA PRO D 137 -29.44 -47.12 -6.20
C PRO D 137 -29.08 -48.34 -5.35
N GLY D 138 -28.11 -48.18 -4.43
CA GLY D 138 -27.57 -49.27 -3.60
C GLY D 138 -26.53 -50.10 -4.33
N GLY D 139 -26.22 -49.74 -5.58
CA GLY D 139 -25.30 -50.47 -6.46
C GLY D 139 -23.85 -50.09 -6.21
N SER D 140 -22.92 -50.69 -6.97
CA SER D 140 -21.45 -50.59 -6.81
C SER D 140 -20.81 -50.17 -8.15
N LEU D 141 -19.66 -49.51 -8.06
CA LEU D 141 -18.87 -49.07 -9.23
C LEU D 141 -17.44 -48.79 -8.78
N ARG D 142 -16.46 -49.12 -9.61
CA ARG D 142 -15.03 -48.84 -9.36
C ARG D 142 -14.52 -47.88 -10.45
N LEU D 143 -14.13 -46.67 -10.06
CA LEU D 143 -13.48 -45.69 -10.96
C LEU D 143 -11.99 -46.00 -11.00
N SER D 144 -11.39 -45.84 -12.18
CA SER D 144 -9.93 -45.97 -12.43
C SER D 144 -9.41 -44.63 -12.95
N CYS D 145 -8.14 -44.33 -12.65
CA CYS D 145 -7.40 -43.18 -13.19
C CYS D 145 -5.98 -43.62 -13.56
N ALA D 146 -5.66 -43.64 -14.85
CA ALA D 146 -4.31 -43.96 -15.39
C ALA D 146 -3.52 -42.65 -15.53
N ALA D 147 -2.48 -42.49 -14.72
CA ALA D 147 -1.55 -41.34 -14.74
C ALA D 147 -0.36 -41.66 -15.64
N SER D 148 0.09 -40.71 -16.46
CA SER D 148 1.28 -40.86 -17.32
C SER D 148 2.04 -39.54 -17.40
N GLY D 149 3.31 -39.59 -17.80
CA GLY D 149 4.18 -38.40 -17.94
C GLY D 149 4.66 -37.88 -16.59
N LEU D 150 4.63 -38.72 -15.55
CA LEU D 150 5.11 -38.37 -14.20
C LEU D 150 5.49 -39.65 -13.45
N THR D 151 6.31 -39.52 -12.41
CA THR D 151 6.65 -40.61 -11.45
C THR D 151 5.48 -40.74 -10.48
N PHE D 152 4.46 -41.51 -10.86
CA PHE D 152 3.18 -41.71 -10.13
C PHE D 152 3.45 -42.02 -8.65
N ARG D 153 4.41 -42.93 -8.43
CA ARG D 153 4.91 -43.44 -7.12
C ARG D 153 5.09 -42.31 -6.09
N SER D 154 5.48 -41.11 -6.51
CA SER D 154 6.05 -40.09 -5.60
C SER D 154 5.05 -38.98 -5.27
N TYR D 155 3.76 -39.12 -5.60
CA TYR D 155 2.74 -38.06 -5.42
C TYR D 155 1.48 -38.58 -4.72
N ALA D 156 0.91 -37.74 -3.86
CA ALA D 156 -0.42 -37.92 -3.25
C ALA D 156 -1.50 -37.59 -4.30
N MET D 157 -2.66 -38.24 -4.20
CA MET D 157 -3.75 -38.18 -5.21
C MET D 157 -5.09 -37.99 -4.48
N THR D 158 -6.06 -37.34 -5.13
CA THR D 158 -7.44 -37.20 -4.62
C THR D 158 -8.47 -37.40 -5.73
N TRP D 159 -9.72 -37.66 -5.32
CA TRP D 159 -10.92 -37.60 -6.17
C TRP D 159 -11.76 -36.38 -5.76
N VAL D 160 -12.16 -35.58 -6.74
CA VAL D 160 -13.11 -34.43 -6.59
C VAL D 160 -14.28 -34.71 -7.54
N ARG D 161 -15.50 -34.39 -7.13
CA ARG D 161 -16.69 -34.58 -8.00
C ARG D 161 -17.44 -33.25 -8.17
N GLN D 162 -18.21 -33.17 -9.24
CA GLN D 162 -19.07 -32.02 -9.60
C GLN D 162 -20.43 -32.56 -10.04
N ALA D 163 -21.43 -32.48 -9.16
CA ALA D 163 -22.86 -32.65 -9.50
C ALA D 163 -23.18 -31.82 -10.74
N PRO D 164 -24.04 -32.31 -11.67
CA PRO D 164 -24.18 -31.71 -13.00
C PRO D 164 -24.20 -30.18 -13.10
N GLY D 165 -25.06 -29.49 -12.35
CA GLY D 165 -25.19 -28.01 -12.46
C GLY D 165 -24.38 -27.23 -11.42
N LYS D 166 -23.61 -27.92 -10.56
CA LYS D 166 -23.15 -27.38 -9.25
C LYS D 166 -21.63 -27.12 -9.25
N GLY D 167 -21.05 -26.89 -8.07
CA GLY D 167 -19.63 -26.63 -7.85
C GLY D 167 -18.87 -27.88 -7.44
N LEU D 168 -17.60 -27.71 -7.06
CA LEU D 168 -16.64 -28.80 -6.77
C LEU D 168 -16.78 -29.25 -5.32
N GLU D 169 -16.75 -30.57 -5.10
CA GLU D 169 -16.79 -31.22 -3.76
C GLU D 169 -15.67 -32.26 -3.68
N TRP D 170 -14.74 -32.07 -2.74
CA TRP D 170 -13.66 -33.05 -2.43
C TRP D 170 -14.29 -34.35 -1.88
N VAL D 171 -13.81 -35.50 -2.34
CA VAL D 171 -14.41 -36.84 -2.03
C VAL D 171 -13.48 -37.59 -1.07
N SER D 172 -12.26 -37.90 -1.53
CA SER D 172 -11.25 -38.62 -0.72
C SER D 172 -9.85 -38.33 -1.25
N GLY D 173 -8.84 -38.63 -0.43
CA GLY D 173 -7.41 -38.48 -0.76
C GLY D 173 -6.62 -39.66 -0.24
N ILE D 174 -5.47 -39.91 -0.84
CA ILE D 174 -4.53 -40.98 -0.43
C ILE D 174 -3.12 -40.39 -0.35
N SER D 175 -2.33 -40.81 0.62
CA SER D 175 -0.93 -40.34 0.82
C SER D 175 -0.05 -40.94 -0.28
N VAL D 176 1.21 -40.48 -0.33
CA VAL D 176 2.26 -40.97 -1.26
C VAL D 176 2.36 -42.50 -1.14
N SER D 177 2.54 -42.99 0.08
CA SER D 177 2.79 -44.43 0.41
C SER D 177 1.49 -45.25 0.29
N GLY D 178 0.32 -44.63 0.46
CA GLY D 178 -0.99 -45.31 0.46
C GLY D 178 -1.43 -45.72 1.85
N GLY D 179 -0.63 -45.42 2.88
CA GLY D 179 -0.87 -45.80 4.28
C GLY D 179 -2.00 -45.01 4.92
N ILE D 180 -2.16 -43.74 4.55
CA ILE D 180 -3.18 -42.81 5.11
C ILE D 180 -4.19 -42.44 4.03
N THR D 181 -5.48 -42.63 4.30
CA THR D 181 -6.61 -42.22 3.42
C THR D 181 -7.49 -41.24 4.20
N TYR D 182 -8.12 -40.30 3.49
CA TYR D 182 -9.06 -39.29 4.05
C TYR D 182 -10.35 -39.33 3.23
N TYR D 183 -11.50 -39.12 3.87
CA TYR D 183 -12.83 -39.12 3.20
C TYR D 183 -13.67 -37.94 3.71
N ALA D 184 -14.51 -37.40 2.82
CA ALA D 184 -15.65 -36.53 3.18
C ALA D 184 -16.68 -37.36 3.94
N ASP D 185 -17.40 -36.75 4.87
CA ASP D 185 -18.40 -37.45 5.75
C ASP D 185 -19.50 -38.10 4.91
N SER D 186 -19.88 -37.49 3.79
CA SER D 186 -21.00 -37.96 2.93
C SER D 186 -20.65 -39.30 2.25
N VAL D 187 -19.38 -39.72 2.24
CA VAL D 187 -18.95 -40.97 1.54
C VAL D 187 -18.16 -41.91 2.47
N LYS D 188 -17.91 -41.55 3.73
CA LYS D 188 -17.14 -42.42 4.68
C LYS D 188 -17.93 -43.71 4.90
N GLY D 189 -17.26 -44.87 4.75
CA GLY D 189 -17.83 -46.21 4.94
C GLY D 189 -18.42 -46.79 3.67
N ARG D 190 -18.63 -45.95 2.64
CA ARG D 190 -19.21 -46.37 1.33
C ARG D 190 -18.12 -46.38 0.26
N PHE D 191 -17.24 -45.37 0.28
CA PHE D 191 -16.17 -45.16 -0.74
C PHE D 191 -14.83 -45.63 -0.17
N THR D 192 -14.00 -46.27 -0.99
CA THR D 192 -12.61 -46.66 -0.65
C THR D 192 -11.67 -46.20 -1.77
N ILE D 193 -10.63 -45.44 -1.41
CA ILE D 193 -9.54 -44.98 -2.33
C ILE D 193 -8.34 -45.91 -2.14
N SER D 194 -7.65 -46.24 -3.23
CA SER D 194 -6.40 -47.05 -3.22
C SER D 194 -5.58 -46.72 -4.47
N ARG D 195 -4.33 -47.21 -4.51
CA ARG D 195 -3.37 -46.95 -5.61
C ARG D 195 -2.64 -48.25 -5.93
N ASP D 196 -2.40 -48.51 -7.22
CA ASP D 196 -1.45 -49.55 -7.70
C ASP D 196 -0.35 -48.83 -8.49
N ASN D 197 0.79 -48.60 -7.85
CA ASN D 197 1.94 -47.83 -8.41
C ASN D 197 2.49 -48.54 -9.66
N SER D 198 2.42 -49.87 -9.71
CA SER D 198 2.93 -50.67 -10.85
C SER D 198 2.04 -50.46 -12.09
N LYS D 199 0.77 -50.12 -11.90
CA LYS D 199 -0.18 -49.85 -13.01
C LYS D 199 -0.36 -48.34 -13.21
N ASN D 200 0.32 -47.52 -12.41
CA ASN D 200 0.17 -46.04 -12.39
C ASN D 200 -1.30 -45.66 -12.25
N THR D 201 -2.04 -46.37 -11.40
CA THR D 201 -3.52 -46.28 -11.33
C THR D 201 -3.97 -45.87 -9.93
N LEU D 202 -4.90 -44.92 -9.88
CA LEU D 202 -5.69 -44.53 -8.69
C LEU D 202 -7.09 -45.13 -8.83
N TYR D 203 -7.64 -45.70 -7.75
CA TYR D 203 -8.95 -46.38 -7.71
C TYR D 203 -9.89 -45.66 -6.73
N LEU D 204 -11.17 -45.65 -7.05
CA LEU D 204 -12.28 -45.31 -6.11
C LEU D 204 -13.34 -46.41 -6.23
N GLN D 205 -13.43 -47.24 -5.18
CA GLN D 205 -14.50 -48.26 -5.01
C GLN D 205 -15.69 -47.56 -4.36
N MET D 206 -16.82 -47.51 -5.06
CA MET D 206 -18.05 -46.82 -4.61
C MET D 206 -19.14 -47.86 -4.34
N ASN D 207 -19.59 -47.96 -3.09
CA ASN D 207 -20.65 -48.91 -2.64
C ASN D 207 -21.87 -48.11 -2.15
N SER D 208 -23.05 -48.75 -2.19
CA SER D 208 -24.34 -48.21 -1.69
C SER D 208 -24.57 -46.82 -2.28
N LEU D 209 -24.48 -46.71 -3.60
CA LEU D 209 -24.56 -45.43 -4.34
C LEU D 209 -25.99 -44.87 -4.23
N ARG D 210 -26.11 -43.56 -3.99
CA ARG D 210 -27.38 -42.81 -3.83
C ARG D 210 -27.51 -41.82 -4.99
N ALA D 211 -28.71 -41.30 -5.24
CA ALA D 211 -29.01 -40.30 -6.30
C ALA D 211 -28.06 -39.09 -6.15
N GLU D 212 -27.72 -38.71 -4.92
CA GLU D 212 -26.90 -37.51 -4.60
C GLU D 212 -25.41 -37.76 -4.90
N ASP D 213 -25.01 -38.99 -5.24
CA ASP D 213 -23.63 -39.34 -5.67
C ASP D 213 -23.47 -39.13 -7.18
N THR D 214 -24.51 -38.67 -7.88
CA THR D 214 -24.47 -38.35 -9.33
C THR D 214 -23.57 -37.13 -9.55
N ALA D 215 -22.54 -37.26 -10.38
CA ALA D 215 -21.52 -36.22 -10.61
C ALA D 215 -20.49 -36.69 -11.64
N VAL D 216 -19.81 -35.73 -12.28
CA VAL D 216 -18.51 -35.96 -12.97
C VAL D 216 -17.47 -36.15 -11.87
N TYR D 217 -16.77 -37.29 -11.86
CA TYR D 217 -15.71 -37.62 -10.89
C TYR D 217 -14.35 -37.33 -11.55
N TYR D 218 -13.61 -36.40 -10.96
CA TYR D 218 -12.25 -35.96 -11.41
C TYR D 218 -11.19 -36.62 -10.53
N CYS D 219 -10.17 -37.13 -11.21
CA CYS D 219 -8.86 -37.56 -10.65
C CYS D 219 -7.94 -36.31 -10.58
N ALA D 220 -7.27 -36.09 -9.45
CA ALA D 220 -6.36 -34.93 -9.26
C ALA D 220 -5.07 -35.35 -8.54
N LYS D 221 -3.92 -34.96 -9.09
CA LYS D 221 -2.60 -35.05 -8.42
C LYS D 221 -2.45 -33.87 -7.46
N ARG D 222 -1.90 -34.09 -6.27
CA ARG D 222 -1.55 -32.99 -5.33
C ARG D 222 -0.12 -32.51 -5.64
N GLY D 223 0.08 -31.19 -5.66
CA GLY D 223 1.41 -30.55 -5.84
C GLY D 223 2.37 -30.94 -4.73
N ALA D 224 1.86 -31.20 -3.53
CA ALA D 224 2.60 -31.75 -2.38
C ALA D 224 1.63 -32.57 -1.52
N ALA D 225 2.16 -33.36 -0.59
CA ALA D 225 1.37 -34.16 0.38
C ALA D 225 0.29 -33.27 1.01
N VAL D 226 0.63 -32.01 1.30
CA VAL D 226 -0.25 -31.02 2.01
C VAL D 226 -0.66 -29.90 1.04
N GLY D 227 -0.48 -30.09 -0.26
CA GLY D 227 -0.57 -29.00 -1.26
C GLY D 227 -1.88 -28.96 -2.02
N SER D 228 -1.98 -28.05 -2.98
CA SER D 228 -3.12 -27.84 -3.90
C SER D 228 -3.27 -29.03 -4.86
N PHE D 229 -4.30 -29.00 -5.71
CA PHE D 229 -4.48 -29.93 -6.86
C PHE D 229 -3.87 -29.30 -8.11
N ASP D 230 -2.71 -29.76 -8.56
CA ASP D 230 -1.94 -29.09 -9.64
C ASP D 230 -2.30 -29.66 -11.02
N TYR D 231 -2.74 -30.91 -11.12
CA TYR D 231 -3.18 -31.53 -12.40
C TYR D 231 -4.48 -32.29 -12.19
N TRP D 232 -5.42 -32.15 -13.12
CA TRP D 232 -6.77 -32.78 -13.11
C TRP D 232 -6.93 -33.61 -14.38
N GLY D 233 -7.65 -34.73 -14.30
CA GLY D 233 -8.09 -35.50 -15.48
C GLY D 233 -9.34 -34.88 -16.08
N GLN D 234 -9.82 -35.40 -17.21
CA GLN D 234 -10.99 -34.82 -17.95
C GLN D 234 -12.29 -35.22 -17.25
N GLY D 235 -12.28 -36.31 -16.48
CA GLY D 235 -13.40 -36.74 -15.61
C GLY D 235 -14.22 -37.87 -16.22
N THR D 236 -15.05 -38.52 -15.41
CA THR D 236 -15.96 -39.63 -15.84
C THR D 236 -17.30 -39.43 -15.14
N LEU D 237 -18.41 -39.47 -15.88
CA LEU D 237 -19.77 -39.17 -15.38
C LEU D 237 -20.37 -40.43 -14.77
N VAL D 238 -20.88 -40.31 -13.54
CA VAL D 238 -21.62 -41.36 -12.80
C VAL D 238 -23.04 -40.83 -12.53
N THR D 239 -24.07 -41.55 -12.99
CA THR D 239 -25.50 -41.25 -12.70
C THR D 239 -26.10 -42.40 -11.89
N VAL D 240 -26.95 -42.07 -10.92
CA VAL D 240 -27.64 -43.05 -10.02
C VAL D 240 -29.15 -42.79 -10.06
N SER D 241 -29.93 -43.83 -10.38
CA SER D 241 -31.40 -43.96 -10.21
C SER D 241 -31.97 -44.89 -11.29
N ILE E 2 3.31 7.33 31.54
CA ILE E 2 4.07 8.08 32.58
C ILE E 2 5.54 7.66 32.52
N ALA E 3 6.42 8.55 32.06
CA ALA E 3 7.88 8.31 31.92
C ALA E 3 8.71 9.53 32.35
N LEU E 4 8.08 10.59 32.89
CA LEU E 4 8.80 11.80 33.39
C LEU E 4 8.59 11.93 34.90
N THR E 5 9.61 12.39 35.62
CA THR E 5 9.62 12.47 37.11
C THR E 5 9.33 13.90 37.55
N GLN E 6 8.32 14.07 38.41
CA GLN E 6 7.98 15.33 39.12
C GLN E 6 7.94 15.02 40.61
N PRO E 7 8.12 16.04 41.48
CA PRO E 7 7.85 15.86 42.91
C PRO E 7 6.34 15.61 43.09
N ALA E 8 5.96 14.81 44.09
CA ALA E 8 4.56 14.50 44.45
C ALA E 8 3.82 15.78 44.83
N SER E 9 4.45 16.65 45.63
CA SER E 9 3.78 17.83 46.22
C SER E 9 4.71 19.05 46.23
N VAL E 10 4.10 20.23 46.25
CA VAL E 10 4.75 21.56 46.37
C VAL E 10 3.77 22.48 47.10
N SER E 11 4.27 23.32 48.00
CA SER E 11 3.44 24.23 48.84
C SER E 11 4.02 25.64 48.79
N GLY E 12 3.16 26.65 48.95
CA GLY E 12 3.55 28.06 49.02
C GLY E 12 2.41 28.92 49.53
N SER E 13 2.73 30.06 50.14
CA SER E 13 1.76 31.05 50.66
C SER E 13 1.37 32.02 49.55
N PRO E 14 0.17 32.66 49.60
CA PRO E 14 -0.25 33.60 48.56
C PRO E 14 0.77 34.72 48.37
N GLY E 15 1.11 35.05 47.12
CA GLY E 15 2.08 36.10 46.75
C GLY E 15 3.46 35.53 46.45
N GLN E 16 3.81 34.36 47.02
CA GLN E 16 5.13 33.71 46.86
C GLN E 16 5.27 33.12 45.44
N SER E 17 6.48 32.73 45.07
CA SER E 17 6.82 31.94 43.86
C SER E 17 7.10 30.49 44.25
N ILE E 18 6.60 29.54 43.46
CA ILE E 18 6.95 28.10 43.57
C ILE E 18 7.44 27.62 42.20
N THR E 19 8.26 26.58 42.20
CA THR E 19 8.83 25.94 40.99
C THR E 19 8.55 24.44 41.04
N ILE E 20 7.89 23.92 40.00
CA ILE E 20 7.71 22.45 39.77
C ILE E 20 8.71 22.04 38.69
N SER E 21 9.60 21.10 39.02
CA SER E 21 10.63 20.53 38.10
C SER E 21 10.06 19.26 37.44
N CYS E 22 10.54 18.96 36.24
CA CYS E 22 10.14 17.79 35.42
C CYS E 22 11.38 17.23 34.73
N THR E 23 11.76 16.00 35.05
CA THR E 23 13.01 15.34 34.56
C THR E 23 12.65 14.17 33.65
N GLY E 24 13.24 14.14 32.45
CA GLY E 24 13.12 13.05 31.47
C GLY E 24 14.48 12.67 30.93
N THR E 25 14.55 12.37 29.62
CA THR E 25 15.79 11.94 28.91
C THR E 25 15.98 12.80 27.66
N SER E 26 17.07 12.56 26.94
CA SER E 26 17.45 13.29 25.69
C SER E 26 16.43 12.99 24.59
N SER E 27 15.65 11.91 24.72
CA SER E 27 14.63 11.46 23.74
C SER E 27 13.20 11.83 24.17
N ASP E 28 13.04 12.70 25.18
CA ASP E 28 11.76 13.44 25.42
C ASP E 28 12.08 14.91 25.71
N ILE E 29 12.26 15.29 26.99
CA ILE E 29 12.44 16.71 27.43
C ILE E 29 13.62 17.33 26.66
N GLY E 30 14.68 16.57 26.42
CA GLY E 30 15.92 17.03 25.73
C GLY E 30 15.67 17.57 24.34
N GLY E 31 14.65 17.06 23.63
CA GLY E 31 14.31 17.46 22.25
C GLY E 31 13.87 18.92 22.18
N TYR E 32 14.02 19.54 21.00
CA TYR E 32 13.70 20.96 20.73
C TYR E 32 12.29 21.29 21.25
N ASN E 33 12.21 22.23 22.21
CA ASN E 33 10.97 22.85 22.73
C ASN E 33 9.98 21.78 23.25
N SER E 34 10.47 20.59 23.58
CA SER E 34 9.62 19.37 23.78
C SER E 34 9.16 19.27 25.24
N VAL E 35 8.50 20.31 25.75
CA VAL E 35 7.81 20.27 27.08
C VAL E 35 6.59 21.19 27.05
N SER E 36 5.46 20.69 27.54
CA SER E 36 4.22 21.46 27.81
C SER E 36 3.75 21.15 29.24
N TRP E 37 2.86 21.99 29.78
CA TRP E 37 2.36 21.89 31.18
C TRP E 37 0.83 21.95 31.18
N TYR E 38 0.19 21.04 31.90
CA TYR E 38 -1.29 20.96 32.05
C TYR E 38 -1.65 21.14 33.52
N GLN E 39 -2.65 21.98 33.77
CA GLN E 39 -3.30 22.22 35.09
C GLN E 39 -4.59 21.40 35.10
N GLN E 40 -4.84 20.66 36.19
CA GLN E 40 -6.12 19.93 36.40
C GLN E 40 -6.68 20.27 37.78
N HIS E 41 -7.84 20.92 37.82
CA HIS E 41 -8.65 21.16 39.03
C HIS E 41 -9.53 19.93 39.31
N PRO E 42 -9.92 19.70 40.58
CA PRO E 42 -10.85 18.61 40.92
C PRO E 42 -12.11 18.55 40.05
N GLY E 43 -12.34 17.40 39.39
CA GLY E 43 -13.57 17.08 38.64
C GLY E 43 -13.65 17.77 37.29
N LYS E 44 -12.53 18.32 36.79
CA LYS E 44 -12.49 19.12 35.53
C LYS E 44 -11.42 18.56 34.60
N ALA E 45 -11.56 18.79 33.30
CA ALA E 45 -10.63 18.31 32.27
C ALA E 45 -9.30 19.04 32.41
N PRO E 46 -8.17 18.42 31.99
CA PRO E 46 -6.90 19.14 31.95
C PRO E 46 -6.98 20.40 31.08
N LYS E 47 -6.18 21.42 31.44
CA LYS E 47 -6.12 22.74 30.77
C LYS E 47 -4.66 23.03 30.44
N LEU E 48 -4.37 23.34 29.17
CA LEU E 48 -3.01 23.71 28.70
C LEU E 48 -2.64 25.08 29.26
N MET E 49 -1.59 25.15 30.10
CA MET E 49 -1.07 26.40 30.69
C MET E 49 0.15 26.86 29.88
N ILE E 50 1.01 25.94 29.48
CA ILE E 50 2.28 26.24 28.75
C ILE E 50 2.56 25.15 27.71
N TYR E 51 2.96 25.55 26.51
CA TYR E 51 3.49 24.67 25.44
C TYR E 51 4.81 25.29 24.92
N GLY E 52 5.70 24.45 24.40
CA GLY E 52 6.97 24.89 23.79
C GLY E 52 7.85 25.59 24.81
N VAL E 53 7.94 25.04 26.02
CA VAL E 53 8.81 25.52 27.14
C VAL E 53 8.19 26.75 27.81
N ASN E 54 7.86 27.81 27.06
CA ASN E 54 7.43 29.11 27.64
C ASN E 54 6.39 29.85 26.79
N ASN E 55 5.61 29.16 25.96
CA ASN E 55 4.49 29.79 25.21
C ASN E 55 3.20 29.60 26.02
N ARG E 56 2.42 30.67 26.18
CA ARG E 56 1.10 30.68 26.88
C ARG E 56 -0.01 30.77 25.83
N PRO E 57 -1.02 29.88 25.85
CA PRO E 57 -2.24 30.09 25.07
C PRO E 57 -2.94 31.32 25.61
N SER E 58 -3.62 32.09 24.75
CA SER E 58 -4.44 33.27 25.13
C SER E 58 -5.40 32.85 26.27
N GLY E 59 -5.53 33.69 27.30
CA GLY E 59 -6.37 33.43 28.48
C GLY E 59 -5.61 32.70 29.58
N VAL E 60 -4.29 32.88 29.66
CA VAL E 60 -3.40 32.30 30.71
C VAL E 60 -2.44 33.41 31.16
N SER E 61 -2.48 33.77 32.44
CA SER E 61 -1.76 34.94 33.00
C SER E 61 -0.25 34.76 32.83
N ASN E 62 0.48 35.89 32.79
CA ASN E 62 1.97 35.94 32.68
C ASN E 62 2.61 35.41 33.97
N ARG E 63 1.81 35.11 35.00
CA ARG E 63 2.27 34.55 36.29
C ARG E 63 2.82 33.13 36.07
N PHE E 64 2.31 32.42 35.06
CA PHE E 64 2.78 31.08 34.63
C PHE E 64 3.87 31.25 33.58
N SER E 65 5.06 30.68 33.84
CA SER E 65 6.22 30.69 32.92
C SER E 65 6.98 29.38 33.07
N GLY E 66 7.74 28.99 32.04
CA GLY E 66 8.51 27.74 32.01
C GLY E 66 9.88 27.94 31.43
N SER E 67 10.85 27.13 31.86
CA SER E 67 12.23 27.09 31.32
C SER E 67 12.65 25.63 31.14
N LYS E 68 13.76 25.41 30.44
CA LYS E 68 14.33 24.08 30.15
C LYS E 68 15.86 24.18 30.15
N SER E 69 16.53 23.23 30.80
CA SER E 69 18.00 23.09 30.89
C SER E 69 18.35 21.59 30.80
N GLY E 70 18.93 21.17 29.69
CA GLY E 70 19.17 19.74 29.37
C GLY E 70 17.87 18.95 29.40
N ASN E 71 17.79 17.95 30.28
CA ASN E 71 16.65 17.00 30.35
C ASN E 71 15.72 17.37 31.50
N THR E 72 15.73 18.63 31.94
CA THR E 72 14.92 19.11 33.10
C THR E 72 14.20 20.41 32.69
N ALA E 73 12.88 20.34 32.62
CA ALA E 73 11.99 21.52 32.46
C ALA E 73 11.48 21.93 33.84
N SER E 74 11.08 23.19 33.98
CA SER E 74 10.51 23.73 35.24
C SER E 74 9.40 24.74 34.92
N LEU E 75 8.31 24.68 35.67
CA LEU E 75 7.17 25.63 35.64
C LEU E 75 7.26 26.48 36.90
N THR E 76 7.36 27.81 36.74
CA THR E 76 7.29 28.78 37.85
C THR E 76 5.90 29.43 37.85
N ILE E 77 5.25 29.48 39.01
CA ILE E 77 4.02 30.28 39.26
C ILE E 77 4.39 31.38 40.26
N SER E 78 4.38 32.63 39.83
CA SER E 78 4.64 33.82 40.68
C SER E 78 3.31 34.38 41.18
N GLY E 79 3.34 35.16 42.28
CA GLY E 79 2.16 35.77 42.91
C GLY E 79 1.04 34.76 43.07
N LEU E 80 1.32 33.66 43.79
CA LEU E 80 0.37 32.54 44.04
C LEU E 80 -0.99 33.07 44.49
N GLN E 81 -2.06 32.51 43.93
CA GLN E 81 -3.47 32.70 44.34
C GLN E 81 -4.04 31.34 44.78
N ALA E 82 -5.10 31.35 45.58
CA ALA E 82 -5.84 30.14 46.03
C ALA E 82 -6.29 29.32 44.81
N GLU E 83 -6.67 29.99 43.72
CA GLU E 83 -7.17 29.37 42.45
C GLU E 83 -6.11 28.46 41.83
N ASP E 84 -4.83 28.69 42.11
CA ASP E 84 -3.69 27.91 41.54
C ASP E 84 -3.61 26.51 42.14
N GLU E 85 -4.24 26.28 43.29
CA GLU E 85 -4.31 24.96 43.97
C GLU E 85 -4.92 23.95 43.00
N ALA E 86 -4.12 22.97 42.57
CA ALA E 86 -4.47 22.00 41.51
C ALA E 86 -3.32 21.00 41.33
N ASP E 87 -3.55 19.98 40.48
CA ASP E 87 -2.50 19.07 39.99
C ASP E 87 -1.89 19.68 38.73
N TYR E 88 -0.56 19.60 38.58
CA TYR E 88 0.19 20.06 37.39
C TYR E 88 0.95 18.86 36.80
N TYR E 89 0.81 18.67 35.50
CA TYR E 89 1.46 17.59 34.71
C TYR E 89 2.31 18.23 33.61
N CYS E 90 3.60 17.89 33.56
CA CYS E 90 4.42 18.11 32.34
C CYS E 90 4.10 16.97 31.36
N SER E 91 4.15 17.27 30.07
CA SER E 91 4.15 16.26 28.99
C SER E 91 5.30 16.58 28.03
N SER E 92 5.80 15.54 27.36
CA SER E 92 6.78 15.63 26.25
C SER E 92 6.35 14.65 25.17
N TYR E 93 7.10 14.58 24.07
CA TYR E 93 6.94 13.58 22.99
C TYR E 93 8.13 12.61 23.08
N ASP E 94 7.87 11.36 23.44
CA ASP E 94 8.89 10.28 23.46
C ASP E 94 9.18 9.85 22.02
N ILE E 95 10.36 10.20 21.52
CA ILE E 95 10.87 9.95 20.14
C ILE E 95 10.95 8.43 19.91
N GLU E 96 11.27 7.66 20.95
CA GLU E 96 11.50 6.19 20.91
C GLU E 96 10.22 5.46 20.52
N SER E 97 9.11 5.75 21.20
CA SER E 97 7.79 5.11 20.98
C SER E 97 6.93 5.95 20.02
N ALA E 98 7.36 7.17 19.71
CA ALA E 98 6.64 8.14 18.85
C ALA E 98 5.24 8.40 19.42
N THR E 99 5.13 8.68 20.72
CA THR E 99 3.86 9.03 21.41
C THR E 99 4.13 10.07 22.49
N PRO E 100 3.13 10.92 22.81
CA PRO E 100 3.21 11.79 23.99
C PRO E 100 3.35 10.98 25.29
N VAL E 101 4.03 11.56 26.28
CA VAL E 101 4.19 10.99 27.66
C VAL E 101 3.88 12.09 28.68
N PHE E 102 3.40 11.71 29.86
CA PHE E 102 3.09 12.61 30.99
C PHE E 102 4.10 12.38 32.11
N GLY E 103 4.32 13.41 32.94
CA GLY E 103 4.90 13.25 34.28
C GLY E 103 3.87 12.66 35.23
N GLY E 104 4.29 12.23 36.42
CA GLY E 104 3.42 11.60 37.42
C GLY E 104 2.45 12.58 38.06
N GLY E 105 2.65 13.88 37.85
CA GLY E 105 1.82 14.95 38.42
C GLY E 105 2.39 15.46 39.73
N THR E 106 2.21 16.76 40.00
CA THR E 106 2.55 17.44 41.28
C THR E 106 1.29 18.13 41.80
N LYS E 107 0.93 17.89 43.06
CA LYS E 107 -0.17 18.59 43.78
C LYS E 107 0.40 19.88 44.40
N LEU E 108 -0.10 21.04 43.97
CA LEU E 108 0.24 22.37 44.53
C LEU E 108 -0.81 22.72 45.60
N THR E 109 -0.38 22.90 46.85
CA THR E 109 -1.22 23.42 47.95
C THR E 109 -0.86 24.89 48.18
N VAL E 110 -1.86 25.76 48.28
CA VAL E 110 -1.71 27.20 48.64
C VAL E 110 -2.22 27.37 50.07
N LEU E 111 -1.34 27.67 51.02
CA LEU E 111 -1.64 27.78 52.48
C LEU E 111 -2.50 29.05 52.68
N GLY E 112 -3.76 28.89 53.11
CA GLY E 112 -4.76 29.97 53.21
C GLY E 112 -5.90 29.78 52.23
N GLN E 128 -15.42 29.01 20.28
CA GLN E 128 -15.46 28.31 18.96
C GLN E 128 -15.08 26.84 19.14
N VAL E 129 -13.88 26.59 19.67
CA VAL E 129 -13.27 25.22 19.85
C VAL E 129 -14.07 24.47 20.92
N GLU E 130 -14.80 23.44 20.50
CA GLU E 130 -15.71 22.62 21.35
C GLU E 130 -15.49 21.14 21.02
N LEU E 131 -15.19 20.31 22.03
CA LEU E 131 -15.14 18.83 21.93
C LEU E 131 -16.21 18.27 22.87
N VAL E 132 -17.15 17.48 22.33
CA VAL E 132 -18.28 16.90 23.11
C VAL E 132 -18.17 15.37 23.05
N GLN E 133 -17.94 14.74 24.21
CA GLN E 133 -17.80 13.27 24.37
C GLN E 133 -19.15 12.68 24.76
N SER E 134 -19.34 11.38 24.53
CA SER E 134 -20.53 10.58 24.95
C SER E 134 -20.77 10.76 26.46
N GLY E 135 -22.01 10.57 26.91
CA GLY E 135 -22.37 10.53 28.33
C GLY E 135 -21.70 9.36 29.04
N ALA E 136 -21.84 9.28 30.36
CA ALA E 136 -21.25 8.23 31.22
C ALA E 136 -21.74 6.86 30.78
N GLU E 137 -20.97 5.81 31.08
CA GLU E 137 -21.24 4.40 30.67
C GLU E 137 -21.16 3.48 31.89
N VAL E 138 -22.11 2.53 32.00
CA VAL E 138 -22.20 1.51 33.09
C VAL E 138 -22.26 0.13 32.43
N LYS E 139 -21.19 -0.66 32.56
CA LYS E 139 -20.97 -1.91 31.79
C LYS E 139 -20.59 -3.06 32.74
N LYS E 140 -20.73 -4.30 32.27
CA LYS E 140 -20.23 -5.52 32.97
C LYS E 140 -18.96 -5.99 32.27
N PRO E 141 -18.06 -6.73 32.98
CA PRO E 141 -16.85 -7.28 32.36
C PRO E 141 -17.21 -8.25 31.22
N GLY E 142 -16.61 -8.04 30.04
CA GLY E 142 -16.79 -8.92 28.86
C GLY E 142 -17.65 -8.28 27.78
N GLU E 143 -18.33 -7.17 28.08
CA GLU E 143 -19.20 -6.43 27.13
C GLU E 143 -18.33 -5.56 26.20
N SER E 144 -18.89 -5.19 25.04
CA SER E 144 -18.32 -4.21 24.07
C SER E 144 -18.51 -2.79 24.62
N LEU E 145 -17.70 -1.84 24.13
CA LEU E 145 -17.89 -0.39 24.39
C LEU E 145 -17.20 0.41 23.28
N LYS E 146 -17.87 1.46 22.81
CA LYS E 146 -17.34 2.46 21.85
C LYS E 146 -17.69 3.85 22.38
N ILE E 147 -16.70 4.56 22.94
CA ILE E 147 -16.82 5.99 23.38
C ILE E 147 -16.54 6.87 22.17
N SER E 148 -17.30 7.96 22.02
CA SER E 148 -17.19 8.92 20.90
C SER E 148 -16.78 10.30 21.45
N CYS E 149 -16.25 11.14 20.57
CA CYS E 149 -15.86 12.55 20.83
C CYS E 149 -16.03 13.32 19.53
N LYS E 150 -16.96 14.28 19.51
CA LYS E 150 -17.32 15.09 18.31
C LYS E 150 -16.70 16.47 18.42
N GLY E 151 -15.84 16.84 17.48
CA GLY E 151 -15.24 18.19 17.34
C GLY E 151 -16.12 19.09 16.48
N SER E 152 -16.08 20.40 16.74
CA SER E 152 -16.81 21.43 15.98
C SER E 152 -16.12 22.79 16.17
N GLY E 153 -16.30 23.70 15.21
CA GLY E 153 -15.76 25.07 15.25
C GLY E 153 -14.31 25.13 14.83
N TYR E 154 -13.78 24.05 14.25
CA TYR E 154 -12.38 23.95 13.76
C TYR E 154 -12.27 22.84 12.72
N SER E 155 -11.26 22.91 11.84
CA SER E 155 -10.98 21.91 10.78
C SER E 155 -10.48 20.62 11.42
N PHE E 156 -11.31 19.58 11.43
CA PHE E 156 -11.09 18.31 12.17
C PHE E 156 -9.82 17.60 11.68
N THR E 157 -9.43 17.79 10.43
CA THR E 157 -8.29 17.08 9.78
C THR E 157 -6.97 17.80 10.07
N SER E 158 -7.02 19.07 10.49
CA SER E 158 -5.84 19.96 10.68
C SER E 158 -5.11 19.67 12.01
N TYR E 159 -5.74 18.93 12.91
CA TYR E 159 -5.27 18.70 14.31
C TYR E 159 -5.29 17.21 14.63
N TRP E 160 -4.31 16.75 15.39
CA TRP E 160 -4.25 15.39 15.99
C TRP E 160 -5.29 15.27 17.10
N ILE E 161 -5.91 14.10 17.21
CA ILE E 161 -6.78 13.73 18.36
C ILE E 161 -5.97 12.80 19.28
N GLY E 162 -5.96 13.10 20.58
CA GLY E 162 -5.34 12.24 21.61
C GLY E 162 -6.40 11.72 22.56
N TRP E 163 -6.22 10.50 23.06
CA TRP E 163 -7.05 9.90 24.14
C TRP E 163 -6.20 9.78 25.41
N VAL E 164 -6.69 10.37 26.50
CA VAL E 164 -6.07 10.30 27.86
C VAL E 164 -7.04 9.56 28.78
N ARG E 165 -6.54 8.63 29.59
CA ARG E 165 -7.33 8.04 30.72
C ARG E 165 -6.66 8.43 32.04
N GLN E 166 -7.47 8.75 33.05
CA GLN E 166 -7.04 8.65 34.47
C GLN E 166 -8.01 7.73 35.21
N ALA E 167 -7.49 6.57 35.63
CA ALA E 167 -8.10 5.68 36.64
C ALA E 167 -8.40 6.53 37.88
N PRO E 168 -9.37 6.14 38.72
CA PRO E 168 -9.71 6.95 39.90
C PRO E 168 -8.49 7.14 40.81
N GLY E 169 -8.25 8.39 41.22
CA GLY E 169 -7.18 8.80 42.15
C GLY E 169 -5.78 8.61 41.59
N LYS E 170 -5.65 8.47 40.26
CA LYS E 170 -4.35 8.25 39.57
C LYS E 170 -4.07 9.43 38.64
N GLY E 171 -2.90 9.47 38.02
CA GLY E 171 -2.49 10.54 37.09
C GLY E 171 -3.06 10.35 35.69
N LEU E 172 -2.71 11.26 34.78
CA LEU E 172 -3.08 11.21 33.34
C LEU E 172 -2.16 10.23 32.62
N GLU E 173 -2.71 9.42 31.71
CA GLU E 173 -1.93 8.57 30.76
C GLU E 173 -2.41 8.84 29.33
N TRP E 174 -1.49 9.17 28.42
CA TRP E 174 -1.74 9.14 26.96
C TRP E 174 -1.95 7.70 26.52
N MET E 175 -3.07 7.39 25.85
CA MET E 175 -3.41 6.03 25.36
C MET E 175 -2.93 5.91 23.92
N GLY E 176 -3.26 6.90 23.09
CA GLY E 176 -2.84 6.95 21.69
C GLY E 176 -3.22 8.26 21.03
N ILE E 177 -2.79 8.41 19.78
CA ILE E 177 -3.00 9.63 18.94
C ILE E 177 -3.46 9.15 17.55
N ILE E 178 -4.29 9.93 16.87
CA ILE E 178 -4.78 9.62 15.50
C ILE E 178 -4.78 10.91 14.68
N ASP E 179 -4.26 10.85 13.45
CA ASP E 179 -4.39 11.90 12.41
C ASP E 179 -5.71 11.63 11.68
N PRO E 180 -6.78 12.42 11.92
CA PRO E 180 -8.09 12.14 11.33
C PRO E 180 -8.09 12.21 9.80
N GLY E 181 -7.14 12.93 9.20
CA GLY E 181 -6.91 12.99 7.75
C GLY E 181 -6.84 11.60 7.13
N ASP E 182 -5.80 10.84 7.48
CA ASP E 182 -5.43 9.53 6.84
C ASP E 182 -5.71 8.36 7.79
N SER E 183 -6.24 8.62 8.99
CA SER E 183 -6.50 7.62 10.07
C SER E 183 -5.21 6.92 10.50
N ARG E 184 -4.05 7.60 10.36
CA ARG E 184 -2.74 7.10 10.86
C ARG E 184 -2.79 7.16 12.40
N THR E 185 -2.49 6.05 13.06
CA THR E 185 -2.77 5.79 14.50
C THR E 185 -1.54 5.19 15.17
N ARG E 186 -1.17 5.72 16.33
CA ARG E 186 -0.05 5.23 17.20
C ARG E 186 -0.57 5.11 18.63
N TYR E 187 -0.32 3.99 19.30
CA TYR E 187 -0.67 3.74 20.72
C TYR E 187 0.61 3.78 21.56
N SER E 188 0.49 4.28 22.81
CA SER E 188 1.56 4.22 23.83
C SER E 188 1.92 2.76 24.08
N PRO E 189 3.19 2.43 24.40
CA PRO E 189 3.58 1.03 24.63
C PRO E 189 2.58 0.26 25.51
N SER E 190 2.10 0.88 26.58
CA SER E 190 1.27 0.27 27.66
C SER E 190 -0.15 -0.05 27.16
N PHE E 191 -0.63 0.60 26.10
CA PHE E 191 -2.02 0.48 25.58
C PHE E 191 -2.06 -0.22 24.22
N GLN E 192 -0.91 -0.64 23.69
CA GLN E 192 -0.81 -1.42 22.43
C GLN E 192 -1.62 -2.72 22.60
N GLY E 193 -2.63 -2.92 21.75
CA GLY E 193 -3.41 -4.17 21.64
C GLY E 193 -4.46 -4.32 22.74
N GLN E 194 -4.66 -3.29 23.58
CA GLN E 194 -5.68 -3.30 24.66
C GLN E 194 -6.95 -2.60 24.18
N VAL E 195 -6.83 -1.71 23.19
CA VAL E 195 -7.88 -0.71 22.82
C VAL E 195 -7.74 -0.37 21.33
N THR E 196 -8.79 0.16 20.70
CA THR E 196 -8.79 0.60 19.28
C THR E 196 -9.23 2.07 19.19
N ILE E 197 -8.42 2.92 18.56
CA ILE E 197 -8.71 4.35 18.29
C ILE E 197 -8.95 4.53 16.79
N SER E 198 -10.00 5.26 16.42
CA SER E 198 -10.42 5.48 15.02
C SER E 198 -11.11 6.85 14.87
N ALA E 199 -11.28 7.30 13.63
CA ALA E 199 -11.90 8.60 13.28
C ALA E 199 -12.87 8.43 12.10
N ASP E 200 -13.97 9.17 12.13
CA ASP E 200 -14.92 9.35 11.00
C ASP E 200 -14.87 10.82 10.58
N LYS E 201 -14.03 11.13 9.59
CA LYS E 201 -13.71 12.52 9.14
C LYS E 201 -14.99 13.30 8.83
N SER E 202 -15.98 12.64 8.20
CA SER E 202 -17.19 13.28 7.61
C SER E 202 -18.12 13.86 8.68
N ILE E 203 -18.07 13.33 9.91
CA ILE E 203 -18.95 13.76 11.05
C ILE E 203 -18.07 14.29 12.20
N SER E 204 -16.81 14.64 11.92
CA SER E 204 -15.83 15.26 12.85
C SER E 204 -15.79 14.51 14.18
N THR E 205 -15.76 13.18 14.15
CA THR E 205 -15.90 12.31 15.35
C THR E 205 -14.70 11.36 15.45
N ALA E 206 -14.14 11.24 16.67
CA ALA E 206 -13.07 10.29 17.05
C ALA E 206 -13.66 9.27 18.01
N TYR E 207 -13.10 8.05 18.04
CA TYR E 207 -13.64 6.89 18.78
C TYR E 207 -12.53 6.20 19.57
N LEU E 208 -12.91 5.67 20.74
CA LEU E 208 -12.10 4.72 21.56
C LEU E 208 -12.98 3.48 21.81
N GLN E 209 -12.40 2.28 21.73
CA GLN E 209 -13.16 1.01 21.56
C GLN E 209 -12.46 -0.13 22.28
N TRP E 210 -13.24 -0.92 23.05
CA TRP E 210 -12.83 -2.19 23.71
C TRP E 210 -13.65 -3.33 23.12
N SER E 211 -13.02 -4.45 22.79
CA SER E 211 -13.70 -5.72 22.40
C SER E 211 -14.36 -6.33 23.64
N SER E 212 -13.59 -6.49 24.73
CA SER E 212 -14.02 -7.11 26.01
C SER E 212 -13.46 -6.33 27.21
N LEU E 213 -14.32 -5.59 27.91
CA LEU E 213 -13.96 -4.77 29.10
C LEU E 213 -13.53 -5.66 30.27
N LYS E 214 -12.53 -5.22 31.03
CA LYS E 214 -12.13 -5.76 32.36
C LYS E 214 -12.52 -4.72 33.41
N ALA E 215 -12.54 -5.10 34.69
CA ALA E 215 -12.86 -4.20 35.83
C ALA E 215 -11.86 -3.04 35.86
N SER E 216 -10.60 -3.29 35.50
CA SER E 216 -9.46 -2.33 35.53
C SER E 216 -9.61 -1.23 34.47
N ASP E 217 -10.59 -1.34 33.56
CA ASP E 217 -10.86 -0.30 32.51
C ASP E 217 -11.73 0.82 33.09
N THR E 218 -12.20 0.67 34.34
CA THR E 218 -12.94 1.72 35.08
C THR E 218 -12.04 2.95 35.21
N ALA E 219 -12.40 4.06 34.57
CA ALA E 219 -11.64 5.32 34.54
C ALA E 219 -12.45 6.46 33.90
N MET E 220 -11.95 7.68 34.06
CA MET E 220 -12.33 8.86 33.24
C MET E 220 -11.50 8.83 31.95
N TYR E 221 -12.13 9.05 30.79
CA TYR E 221 -11.48 9.04 29.46
C TYR E 221 -11.72 10.39 28.79
N TYR E 222 -10.64 11.10 28.45
CA TYR E 222 -10.64 12.43 27.79
C TYR E 222 -10.13 12.29 26.35
N CYS E 223 -10.81 12.95 25.40
CA CYS E 223 -10.27 13.24 24.04
C CYS E 223 -9.73 14.68 24.06
N ALA E 224 -8.66 14.94 23.31
CA ALA E 224 -8.07 16.28 23.15
C ALA E 224 -7.64 16.47 21.69
N ARG E 225 -7.60 17.73 21.26
CA ARG E 225 -7.13 18.17 19.91
C ARG E 225 -5.87 19.02 20.10
N GLY E 226 -4.92 18.92 19.18
CA GLY E 226 -3.75 19.80 19.13
C GLY E 226 -2.68 19.29 18.18
N GLN E 227 -1.43 19.71 18.41
CA GLN E 227 -0.24 19.32 17.62
C GLN E 227 0.68 18.47 18.49
N LEU E 228 1.58 17.70 17.87
CA LEU E 228 2.55 16.83 18.57
C LEU E 228 3.83 17.61 18.91
N TYR E 229 4.02 18.80 18.33
CA TYR E 229 5.19 19.67 18.65
C TYR E 229 4.92 20.42 19.96
N GLY E 230 5.93 21.12 20.47
CA GLY E 230 5.89 21.85 21.76
C GLY E 230 5.65 20.90 22.93
N GLY E 231 6.18 19.68 22.86
CA GLY E 231 6.07 18.65 23.91
C GLY E 231 4.68 18.05 24.00
N THR E 232 3.89 18.17 22.91
CA THR E 232 2.46 17.77 22.79
C THR E 232 1.58 18.95 23.23
N TYR E 233 1.06 19.67 22.23
CA TYR E 233 0.38 20.99 22.32
C TYR E 233 -1.12 20.77 22.09
N MET E 234 -1.82 20.31 23.13
CA MET E 234 -3.26 19.96 23.10
C MET E 234 -4.05 21.00 23.88
N ASP E 235 -4.61 22.00 23.17
CA ASP E 235 -5.27 23.19 23.76
C ASP E 235 -6.79 23.00 23.87
N GLY E 236 -7.34 21.98 23.18
CA GLY E 236 -8.78 21.65 23.18
C GLY E 236 -9.04 20.31 23.84
N TRP E 237 -10.00 20.26 24.77
CA TRP E 237 -10.28 19.09 25.64
C TRP E 237 -11.78 18.86 25.74
N GLY E 238 -12.21 17.59 25.68
CA GLY E 238 -13.60 17.21 26.01
C GLY E 238 -13.85 17.33 27.50
N GLN E 239 -15.11 17.18 27.92
CA GLN E 239 -15.54 17.25 29.34
C GLN E 239 -15.21 15.92 30.03
N GLY E 240 -14.87 14.89 29.25
CA GLY E 240 -14.53 13.54 29.76
C GLY E 240 -15.74 12.61 29.73
N THR E 241 -15.49 11.30 29.61
CA THR E 241 -16.49 10.22 29.69
C THR E 241 -16.11 9.27 30.83
N LEU E 242 -16.94 9.21 31.88
CA LEU E 242 -16.78 8.26 33.01
C LEU E 242 -17.21 6.87 32.53
N VAL E 243 -16.36 5.85 32.71
CA VAL E 243 -16.67 4.43 32.37
C VAL E 243 -16.51 3.59 33.63
N THR E 244 -17.62 3.04 34.13
CA THR E 244 -17.70 2.15 35.32
C THR E 244 -17.91 0.71 34.84
N VAL E 245 -17.03 -0.21 35.24
CA VAL E 245 -17.11 -1.66 34.88
C VAL E 245 -17.19 -2.48 36.18
N SER E 246 -18.37 -3.02 36.48
CA SER E 246 -18.66 -3.88 37.66
C SER E 246 -19.83 -4.81 37.34
N ASP F 1 -14.07 14.40 -27.10
CA ASP F 1 -14.91 13.63 -26.13
C ASP F 1 -14.06 12.55 -25.46
N ILE F 2 -13.99 12.56 -24.12
CA ILE F 2 -13.28 11.53 -23.30
C ILE F 2 -14.22 10.32 -23.14
N GLN F 3 -13.70 9.10 -23.35
CA GLN F 3 -14.48 7.83 -23.25
C GLN F 3 -14.26 7.22 -21.86
N MET F 4 -15.34 6.85 -21.18
CA MET F 4 -15.33 6.20 -19.84
C MET F 4 -15.86 4.77 -19.99
N THR F 5 -15.05 3.76 -19.63
CA THR F 5 -15.43 2.32 -19.71
C THR F 5 -15.46 1.73 -18.30
N GLN F 6 -16.54 1.01 -17.97
CA GLN F 6 -16.75 0.39 -16.64
C GLN F 6 -16.66 -1.13 -16.76
N SER F 7 -16.13 -1.78 -15.72
CA SER F 7 -16.06 -3.26 -15.57
C SER F 7 -16.36 -3.65 -14.13
N PRO F 8 -17.08 -4.76 -13.89
CA PRO F 8 -17.84 -5.44 -14.93
C PRO F 8 -19.01 -4.57 -15.44
N SER F 9 -19.65 -4.95 -16.54
CA SER F 9 -20.87 -4.31 -17.08
C SER F 9 -22.09 -4.80 -16.30
N SER F 10 -22.05 -6.06 -15.85
CA SER F 10 -23.12 -6.76 -15.09
C SER F 10 -22.46 -7.58 -13.97
N LEU F 11 -23.18 -7.86 -12.88
CA LEU F 11 -22.59 -8.43 -11.64
C LEU F 11 -23.72 -8.96 -10.74
N SER F 12 -23.59 -10.20 -10.25
CA SER F 12 -24.50 -10.82 -9.24
C SER F 12 -23.73 -11.10 -7.95
N ALA F 13 -24.23 -10.64 -6.81
CA ALA F 13 -23.61 -10.82 -5.47
C ALA F 13 -24.70 -11.08 -4.43
N SER F 14 -24.32 -11.25 -3.16
CA SER F 14 -25.21 -11.52 -2.01
C SER F 14 -24.96 -10.48 -0.92
N VAL F 15 -25.92 -10.30 -0.01
CA VAL F 15 -25.80 -9.41 1.19
C VAL F 15 -24.53 -9.83 1.95
N GLY F 16 -23.65 -8.88 2.26
CA GLY F 16 -22.41 -9.10 3.02
C GLY F 16 -21.17 -9.06 2.14
N ASP F 17 -21.31 -9.30 0.83
CA ASP F 17 -20.18 -9.43 -0.13
C ASP F 17 -19.50 -8.06 -0.33
N ARG F 18 -18.22 -8.08 -0.72
CA ARG F 18 -17.48 -6.90 -1.23
C ARG F 18 -17.62 -6.89 -2.77
N VAL F 19 -17.98 -5.74 -3.33
CA VAL F 19 -18.16 -5.52 -4.80
C VAL F 19 -17.13 -4.48 -5.24
N THR F 20 -16.37 -4.76 -6.30
CA THR F 20 -15.34 -3.88 -6.89
C THR F 20 -15.73 -3.54 -8.33
N ILE F 21 -15.98 -2.27 -8.61
CA ILE F 21 -16.33 -1.74 -9.97
C ILE F 21 -15.19 -0.84 -10.42
N THR F 22 -14.66 -1.09 -11.63
CA THR F 22 -13.56 -0.32 -12.25
C THR F 22 -14.15 0.69 -13.25
N CYS F 23 -13.52 1.86 -13.35
CA CYS F 23 -13.83 2.91 -14.35
C CYS F 23 -12.49 3.35 -14.97
N ARG F 24 -12.39 3.32 -16.30
CA ARG F 24 -11.17 3.68 -17.06
C ARG F 24 -11.51 4.82 -18.03
N SER F 25 -10.69 5.88 -18.07
CA SER F 25 -10.85 7.04 -18.98
C SER F 25 -9.81 6.94 -20.11
N SER F 26 -10.18 7.40 -21.31
CA SER F 26 -9.33 7.37 -22.53
C SER F 26 -8.17 8.38 -22.41
N GLN F 27 -8.29 9.38 -21.53
CA GLN F 27 -7.24 10.38 -21.21
C GLN F 27 -7.13 10.55 -19.70
N GLY F 28 -6.06 11.21 -19.24
CA GLY F 28 -5.92 11.66 -17.85
C GLY F 28 -7.02 12.64 -17.49
N ILE F 29 -7.73 12.39 -16.38
CA ILE F 29 -8.80 13.28 -15.83
C ILE F 29 -8.47 13.64 -14.38
N GLY F 30 -7.23 13.44 -13.94
CA GLY F 30 -6.78 13.73 -12.56
C GLY F 30 -7.70 13.08 -11.54
N SER F 31 -8.38 13.88 -10.73
CA SER F 31 -9.36 13.43 -9.72
C SER F 31 -10.77 13.93 -10.07
N TRP F 32 -10.96 14.45 -11.29
CA TRP F 32 -12.25 15.03 -11.77
C TRP F 32 -13.24 13.90 -12.10
N LEU F 33 -13.61 13.08 -11.12
CA LEU F 33 -14.48 11.89 -11.33
C LEU F 33 -15.53 11.79 -10.21
N ALA F 34 -16.76 11.43 -10.59
CA ALA F 34 -17.91 11.21 -9.69
C ALA F 34 -18.47 9.81 -9.93
N TRP F 35 -19.05 9.22 -8.88
CA TRP F 35 -19.82 7.95 -8.96
C TRP F 35 -21.28 8.24 -8.61
N TYR F 36 -22.22 7.66 -9.36
CA TYR F 36 -23.69 7.82 -9.15
C TYR F 36 -24.36 6.45 -9.00
N GLN F 37 -25.35 6.36 -8.12
CA GLN F 37 -26.20 5.15 -7.89
C GLN F 37 -27.57 5.42 -8.50
N GLN F 38 -28.07 4.52 -9.35
CA GLN F 38 -29.45 4.60 -9.89
C GLN F 38 -30.19 3.28 -9.61
N LYS F 39 -31.20 3.33 -8.74
CA LYS F 39 -32.08 2.17 -8.42
C LYS F 39 -33.16 2.08 -9.50
N PRO F 40 -33.72 0.87 -9.76
CA PRO F 40 -34.69 0.67 -10.83
C PRO F 40 -35.84 1.69 -10.80
N GLU F 41 -36.06 2.37 -11.93
CA GLU F 41 -37.19 3.31 -12.17
C GLU F 41 -37.15 4.50 -11.19
N LYS F 42 -35.96 4.84 -10.68
CA LYS F 42 -35.72 6.01 -9.79
C LYS F 42 -34.62 6.89 -10.41
N ALA F 43 -34.47 8.11 -9.91
CA ALA F 43 -33.45 9.08 -10.37
C ALA F 43 -32.11 8.76 -9.75
N PRO F 44 -30.98 9.06 -10.43
CA PRO F 44 -29.65 8.86 -9.86
C PRO F 44 -29.43 9.66 -8.56
N GLN F 45 -28.49 9.19 -7.74
CA GLN F 45 -28.00 9.87 -6.51
C GLN F 45 -26.48 9.95 -6.53
N SER F 46 -25.91 11.07 -6.09
CA SER F 46 -24.46 11.30 -5.93
C SER F 46 -23.92 10.40 -4.81
N LEU F 47 -22.84 9.63 -5.09
CA LEU F 47 -22.08 8.83 -4.09
C LEU F 47 -20.74 9.50 -3.79
N ILE F 48 -19.97 9.78 -4.84
CA ILE F 48 -18.55 10.22 -4.76
C ILE F 48 -18.37 11.43 -5.67
N TYR F 49 -17.58 12.41 -5.23
CA TYR F 49 -17.01 13.49 -6.07
C TYR F 49 -15.51 13.55 -5.79
N ALA F 50 -14.75 14.15 -6.70
CA ALA F 50 -13.29 14.31 -6.60
C ALA F 50 -12.63 12.95 -6.39
N ALA F 51 -13.19 11.88 -6.97
CA ALA F 51 -12.62 10.51 -7.03
C ALA F 51 -12.85 9.74 -5.72
N SER F 52 -12.70 10.36 -4.54
CA SER F 52 -12.68 9.64 -3.24
C SER F 52 -13.54 10.30 -2.15
N SER F 53 -14.04 11.53 -2.34
CA SER F 53 -14.88 12.24 -1.33
C SER F 53 -16.30 11.66 -1.30
N LEU F 54 -16.72 11.12 -0.17
CA LEU F 54 -18.11 10.67 0.08
C LEU F 54 -19.04 11.89 0.08
N GLN F 55 -20.15 11.79 -0.64
CA GLN F 55 -21.28 12.75 -0.56
C GLN F 55 -21.93 12.60 0.83
N SER F 56 -22.46 13.70 1.37
CA SER F 56 -23.17 13.70 2.68
C SER F 56 -24.34 12.71 2.62
N GLY F 57 -24.53 11.94 3.70
CA GLY F 57 -25.61 10.94 3.82
C GLY F 57 -25.18 9.55 3.37
N VAL F 58 -24.11 9.43 2.57
CA VAL F 58 -23.70 8.15 1.95
C VAL F 58 -22.95 7.30 2.98
N PRO F 59 -23.37 6.04 3.22
CA PRO F 59 -22.67 5.16 4.16
C PRO F 59 -21.18 4.97 3.84
N SER F 60 -20.36 4.82 4.89
CA SER F 60 -18.88 4.66 4.84
C SER F 60 -18.48 3.41 4.05
N ARG F 61 -19.38 2.43 3.92
CA ARG F 61 -19.11 1.13 3.25
C ARG F 61 -18.92 1.34 1.74
N PHE F 62 -19.26 2.53 1.22
CA PHE F 62 -18.86 3.02 -0.13
C PHE F 62 -17.52 3.76 -0.02
N SER F 63 -16.55 3.43 -0.88
CA SER F 63 -15.27 4.17 -0.98
C SER F 63 -14.80 4.18 -2.44
N GLY F 64 -14.36 5.35 -2.90
CA GLY F 64 -13.76 5.56 -4.23
C GLY F 64 -12.26 5.77 -4.09
N SER F 65 -11.49 5.27 -5.05
CA SER F 65 -10.01 5.40 -5.08
C SER F 65 -9.53 5.53 -6.51
N GLY F 66 -8.30 5.98 -6.68
CA GLY F 66 -7.64 6.12 -8.00
C GLY F 66 -7.53 7.58 -8.42
N SER F 67 -6.86 7.79 -9.54
CA SER F 67 -6.63 9.10 -10.21
C SER F 67 -5.96 8.83 -11.56
N GLY F 68 -5.94 9.83 -12.44
CA GLY F 68 -5.38 9.73 -13.80
C GLY F 68 -6.39 9.09 -14.75
N THR F 69 -6.30 7.76 -14.93
CA THR F 69 -7.15 6.99 -15.88
C THR F 69 -7.77 5.76 -15.20
N ASP F 70 -7.39 5.46 -13.96
CA ASP F 70 -7.75 4.19 -13.27
C ASP F 70 -8.50 4.52 -11.98
N PHE F 71 -9.81 4.22 -11.93
CA PHE F 71 -10.71 4.53 -10.80
C PHE F 71 -11.46 3.27 -10.37
N THR F 72 -11.76 3.17 -9.07
CA THR F 72 -12.39 1.99 -8.43
C THR F 72 -13.46 2.47 -7.44
N LEU F 73 -14.66 1.87 -7.50
CA LEU F 73 -15.71 2.00 -6.46
C LEU F 73 -15.81 0.65 -5.74
N THR F 74 -15.49 0.62 -4.44
CA THR F 74 -15.56 -0.59 -3.58
C THR F 74 -16.76 -0.43 -2.65
N ILE F 75 -17.70 -1.37 -2.71
CA ILE F 75 -18.88 -1.47 -1.79
C ILE F 75 -18.64 -2.62 -0.83
N SER F 76 -18.22 -2.32 0.40
CA SER F 76 -18.10 -3.31 1.51
C SER F 76 -19.49 -3.67 2.03
N ASN F 77 -19.66 -4.90 2.50
CA ASN F 77 -20.85 -5.35 3.27
C ASN F 77 -22.12 -4.96 2.49
N LEU F 78 -22.21 -5.43 1.24
CA LEU F 78 -23.33 -5.14 0.29
C LEU F 78 -24.67 -5.34 1.00
N GLN F 79 -25.54 -4.32 0.97
CA GLN F 79 -26.90 -4.34 1.60
C GLN F 79 -27.94 -4.45 0.49
N PRO F 80 -29.20 -4.87 0.80
CA PRO F 80 -30.23 -5.00 -0.23
C PRO F 80 -30.56 -3.69 -0.96
N GLU F 81 -30.39 -2.54 -0.30
CA GLU F 81 -30.64 -1.19 -0.86
C GLU F 81 -29.55 -0.82 -1.89
N ASP F 82 -28.48 -1.62 -2.00
CA ASP F 82 -27.34 -1.39 -2.92
C ASP F 82 -27.62 -2.03 -4.29
N PHE F 83 -28.64 -2.89 -4.40
CA PHE F 83 -29.23 -3.34 -5.69
C PHE F 83 -29.51 -2.11 -6.54
N ALA F 84 -28.70 -1.87 -7.58
CA ALA F 84 -28.76 -0.66 -8.42
C ALA F 84 -27.75 -0.74 -9.57
N THR F 85 -27.81 0.24 -10.47
CA THR F 85 -26.82 0.49 -11.56
C THR F 85 -25.90 1.63 -11.11
N TYR F 86 -24.58 1.44 -11.21
CA TYR F 86 -23.56 2.44 -10.77
C TYR F 86 -22.87 3.01 -12.00
N TYR F 87 -22.91 4.34 -12.14
CA TYR F 87 -22.28 5.09 -13.26
C TYR F 87 -21.11 5.90 -12.70
N CYS F 88 -20.00 5.96 -13.42
CA CYS F 88 -18.92 6.95 -13.21
C CYS F 88 -19.10 8.07 -14.23
N GLN F 89 -18.53 9.23 -13.96
CA GLN F 89 -18.63 10.45 -14.80
C GLN F 89 -17.36 11.27 -14.64
N GLN F 90 -16.70 11.62 -15.74
CA GLN F 90 -15.60 12.62 -15.74
C GLN F 90 -16.23 14.00 -15.93
N TYR F 91 -15.73 14.99 -15.19
CA TYR F 91 -16.07 16.43 -15.37
C TYR F 91 -14.76 17.24 -15.46
N ASN F 92 -13.74 16.61 -16.07
CA ASN F 92 -12.43 17.24 -16.37
C ASN F 92 -12.60 18.26 -17.49
N SER F 93 -13.42 17.94 -18.50
CA SER F 93 -13.63 18.78 -19.71
C SER F 93 -14.96 18.42 -20.40
N TYR F 94 -15.52 19.38 -21.14
CA TYR F 94 -16.78 19.24 -21.92
C TYR F 94 -16.46 18.50 -23.21
N PRO F 95 -17.37 17.63 -23.71
CA PRO F 95 -18.62 17.30 -23.03
C PRO F 95 -18.41 16.43 -21.79
N LEU F 96 -19.21 16.64 -20.75
CA LEU F 96 -19.24 15.78 -19.55
C LEU F 96 -19.73 14.40 -19.98
N THR F 97 -19.02 13.34 -19.58
CA THR F 97 -19.21 11.96 -20.12
C THR F 97 -19.39 10.97 -18.97
N PHE F 98 -20.32 10.02 -19.16
CA PHE F 98 -20.62 8.91 -18.22
C PHE F 98 -20.09 7.59 -18.79
N GLY F 99 -19.81 6.63 -17.91
CA GLY F 99 -19.60 5.22 -18.26
C GLY F 99 -20.93 4.57 -18.60
N GLY F 100 -20.90 3.40 -19.24
CA GLY F 100 -22.09 2.64 -19.68
C GLY F 100 -22.84 2.02 -18.52
N GLY F 101 -22.26 2.08 -17.31
CA GLY F 101 -22.91 1.61 -16.07
C GLY F 101 -22.55 0.18 -15.72
N THR F 102 -22.72 -0.19 -14.44
CA THR F 102 -22.50 -1.55 -13.88
C THR F 102 -23.76 -1.94 -13.10
N LYS F 103 -24.55 -2.88 -13.63
CA LYS F 103 -25.74 -3.44 -12.93
C LYS F 103 -25.24 -4.37 -11.82
N VAL F 104 -25.58 -4.07 -10.57
CA VAL F 104 -25.33 -4.95 -9.38
C VAL F 104 -26.68 -5.58 -8.99
N GLU F 105 -26.79 -6.90 -9.11
CA GLU F 105 -28.04 -7.68 -8.84
C GLU F 105 -27.82 -8.54 -7.59
N ILE F 106 -28.91 -8.83 -6.86
CA ILE F 106 -28.90 -9.46 -5.51
C ILE F 106 -30.09 -10.45 -5.44
N SER F 123 -34.64 14.16 1.33
CA SER F 123 -33.64 15.20 0.92
C SER F 123 -34.11 16.58 1.39
N GLU F 124 -33.18 17.43 1.85
CA GLU F 124 -33.43 18.85 2.22
C GLU F 124 -33.69 19.67 0.94
N VAL F 125 -33.23 19.17 -0.22
CA VAL F 125 -33.42 19.78 -1.56
C VAL F 125 -34.48 18.99 -2.33
N GLN F 126 -35.33 19.67 -3.11
CA GLN F 126 -36.35 19.05 -3.99
C GLN F 126 -36.30 19.70 -5.37
N LEU F 127 -36.15 18.89 -6.42
CA LEU F 127 -36.16 19.31 -7.85
C LEU F 127 -37.31 18.59 -8.57
N LEU F 128 -38.30 19.35 -9.06
CA LEU F 128 -39.53 18.83 -9.70
C LEU F 128 -39.55 19.24 -11.18
N GLU F 129 -39.23 18.32 -12.08
CA GLU F 129 -39.31 18.55 -13.55
C GLU F 129 -40.77 18.41 -13.98
N SER F 130 -41.14 19.09 -15.08
CA SER F 130 -42.50 19.05 -15.67
C SER F 130 -42.42 19.49 -17.14
N GLY F 131 -43.47 19.21 -17.92
CA GLY F 131 -43.59 19.61 -19.33
C GLY F 131 -43.21 18.49 -20.29
N GLY F 132 -42.90 17.30 -19.77
CA GLY F 132 -42.69 16.08 -20.57
C GLY F 132 -43.97 15.65 -21.25
N GLY F 133 -43.86 14.86 -22.34
CA GLY F 133 -45.01 14.28 -23.06
C GLY F 133 -44.61 13.75 -24.42
N LEU F 134 -45.60 13.31 -25.21
CA LEU F 134 -45.44 12.86 -26.61
C LEU F 134 -45.40 14.09 -27.53
N VAL F 135 -44.45 14.13 -28.46
CA VAL F 135 -44.26 15.22 -29.47
C VAL F 135 -44.02 14.58 -30.85
N GLN F 136 -44.44 15.24 -31.93
CA GLN F 136 -44.17 14.83 -33.33
C GLN F 136 -42.74 15.22 -33.70
N PRO F 137 -42.03 14.43 -34.55
CA PRO F 137 -40.70 14.82 -35.04
C PRO F 137 -40.71 16.21 -35.69
N GLY F 138 -39.69 17.01 -35.41
CA GLY F 138 -39.57 18.41 -35.84
C GLY F 138 -40.36 19.36 -34.94
N GLY F 139 -41.01 18.83 -33.89
CA GLY F 139 -41.85 19.60 -32.95
C GLY F 139 -41.04 20.27 -31.85
N SER F 140 -41.72 20.99 -30.95
CA SER F 140 -41.11 21.84 -29.89
C SER F 140 -41.71 21.47 -28.52
N LEU F 141 -40.92 21.68 -27.46
CA LEU F 141 -41.30 21.37 -26.06
C LEU F 141 -40.39 22.15 -25.11
N ARG F 142 -40.93 22.66 -24.01
CA ARG F 142 -40.15 23.38 -22.97
C ARG F 142 -40.26 22.60 -21.65
N LEU F 143 -39.12 22.07 -21.17
CA LEU F 143 -39.04 21.42 -19.83
C LEU F 143 -38.83 22.51 -18.77
N SER F 144 -39.46 22.32 -17.61
CA SER F 144 -39.33 23.17 -16.40
C SER F 144 -38.78 22.31 -15.27
N CYS F 145 -38.01 22.92 -14.37
CA CYS F 145 -37.54 22.31 -13.11
C CYS F 145 -37.67 23.34 -11.98
N ALA F 146 -38.58 23.08 -11.04
CA ALA F 146 -38.80 23.92 -9.84
C ALA F 146 -37.93 23.38 -8.70
N ALA F 147 -36.92 24.15 -8.29
CA ALA F 147 -36.00 23.83 -7.17
C ALA F 147 -36.56 24.45 -5.89
N SER F 148 -36.49 23.72 -4.77
CA SER F 148 -36.91 24.22 -3.44
C SER F 148 -35.98 23.65 -2.36
N GLY F 149 -35.97 24.27 -1.18
CA GLY F 149 -35.13 23.87 -0.04
C GLY F 149 -33.67 24.26 -0.24
N LEU F 150 -33.40 25.23 -1.11
CA LEU F 150 -32.02 25.75 -1.36
C LEU F 150 -32.10 27.17 -1.92
N THR F 151 -31.02 27.93 -1.81
CA THR F 151 -30.83 29.26 -2.45
C THR F 151 -30.48 29.02 -3.93
N PHE F 152 -31.51 28.85 -4.77
CA PHE F 152 -31.40 28.49 -6.21
C PHE F 152 -30.38 29.40 -6.91
N ARG F 153 -30.48 30.69 -6.64
CA ARG F 153 -29.65 31.81 -7.18
C ARG F 153 -28.16 31.46 -7.20
N SER F 154 -27.67 30.66 -6.24
CA SER F 154 -26.22 30.55 -5.94
C SER F 154 -25.59 29.27 -6.50
N TYR F 155 -26.30 28.50 -7.35
CA TYR F 155 -25.82 27.19 -7.88
C TYR F 155 -25.96 27.10 -9.40
N ALA F 156 -24.98 26.45 -10.03
CA ALA F 156 -24.99 26.03 -11.45
C ALA F 156 -25.89 24.80 -11.57
N MET F 157 -26.51 24.61 -12.74
CA MET F 157 -27.54 23.58 -13.00
C MET F 157 -27.26 22.92 -14.36
N THR F 158 -27.65 21.67 -14.54
CA THR F 158 -27.54 20.94 -15.83
C THR F 158 -28.79 20.09 -16.07
N TRP F 159 -28.99 19.70 -17.33
CA TRP F 159 -29.95 18.66 -17.76
C TRP F 159 -29.16 17.41 -18.21
N VAL F 160 -29.54 16.24 -17.71
CA VAL F 160 -29.02 14.92 -18.13
C VAL F 160 -30.22 14.08 -18.56
N ARG F 161 -30.07 13.28 -19.62
CA ARG F 161 -31.18 12.41 -20.12
C ARG F 161 -30.74 10.95 -20.14
N GLN F 162 -31.74 10.07 -20.12
CA GLN F 162 -31.58 8.60 -20.20
C GLN F 162 -32.59 8.05 -21.20
N ALA F 163 -32.14 7.74 -22.42
CA ALA F 163 -32.87 6.95 -23.43
C ALA F 163 -33.38 5.68 -22.75
N PRO F 164 -34.59 5.19 -23.12
CA PRO F 164 -35.28 4.13 -22.36
C PRO F 164 -34.42 2.98 -21.82
N GLY F 165 -33.65 2.30 -22.66
CA GLY F 165 -32.87 1.09 -22.27
C GLY F 165 -31.42 1.39 -21.93
N LYS F 166 -30.99 2.67 -21.98
CA LYS F 166 -29.56 3.06 -22.08
C LYS F 166 -29.06 3.69 -20.77
N GLY F 167 -27.84 4.25 -20.81
CA GLY F 167 -27.19 4.96 -19.69
C GLY F 167 -27.42 6.46 -19.77
N LEU F 168 -26.64 7.21 -18.96
CA LEU F 168 -26.83 8.67 -18.77
C LEU F 168 -26.02 9.43 -19.83
N GLU F 169 -26.64 10.48 -20.39
CA GLU F 169 -26.03 11.40 -21.39
C GLU F 169 -26.26 12.85 -20.95
N TRP F 170 -25.18 13.59 -20.70
CA TRP F 170 -25.22 15.04 -20.38
C TRP F 170 -25.75 15.81 -21.59
N VAL F 171 -26.64 16.78 -21.37
CA VAL F 171 -27.36 17.52 -22.45
C VAL F 171 -26.82 18.96 -22.51
N SER F 172 -27.00 19.73 -21.44
CA SER F 172 -26.52 21.14 -21.34
C SER F 172 -26.34 21.55 -19.88
N GLY F 173 -25.62 22.65 -19.67
CA GLY F 173 -25.39 23.25 -18.34
C GLY F 173 -25.46 24.76 -18.43
N ILE F 174 -25.71 25.42 -17.29
CA ILE F 174 -25.76 26.90 -17.18
C ILE F 174 -24.96 27.31 -15.94
N SER F 175 -24.25 28.44 -16.02
CA SER F 175 -23.43 28.98 -14.91
C SER F 175 -24.36 29.54 -13.83
N VAL F 176 -23.79 29.89 -12.68
CA VAL F 176 -24.49 30.54 -11.53
C VAL F 176 -25.26 31.76 -12.04
N SER F 177 -24.58 32.66 -12.75
CA SER F 177 -25.10 33.98 -13.22
C SER F 177 -26.05 33.80 -14.41
N GLY F 178 -25.88 32.73 -15.19
CA GLY F 178 -26.66 32.46 -16.42
C GLY F 178 -26.00 33.00 -17.67
N GLY F 179 -24.81 33.62 -17.53
CA GLY F 179 -24.06 34.25 -18.63
C GLY F 179 -23.45 33.23 -19.59
N ILE F 180 -23.00 32.09 -19.06
CA ILE F 180 -22.31 31.02 -19.84
C ILE F 180 -23.20 29.76 -19.87
N THR F 181 -23.46 29.23 -21.06
CA THR F 181 -24.20 27.96 -21.29
C THR F 181 -23.28 27.00 -22.06
N TYR F 182 -23.44 25.69 -21.84
CA TYR F 182 -22.69 24.61 -22.53
C TYR F 182 -23.70 23.60 -23.06
N TYR F 183 -23.44 23.00 -24.22
CA TYR F 183 -24.32 21.98 -24.86
C TYR F 183 -23.48 20.82 -25.38
N ALA F 184 -24.06 19.62 -25.36
CA ALA F 184 -23.60 18.44 -26.14
C ALA F 184 -23.81 18.74 -27.63
N ASP F 185 -22.94 18.22 -28.50
CA ASP F 185 -22.95 18.53 -29.96
C ASP F 185 -24.26 18.06 -30.59
N SER F 186 -24.86 16.98 -30.09
CA SER F 186 -26.10 16.37 -30.64
C SER F 186 -27.31 17.30 -30.45
N VAL F 187 -27.22 18.33 -29.60
CA VAL F 187 -28.38 19.23 -29.30
C VAL F 187 -28.02 20.72 -29.50
N LYS F 188 -26.78 21.07 -29.85
CA LYS F 188 -26.36 22.49 -29.99
C LYS F 188 -27.15 23.13 -31.14
N GLY F 189 -27.74 24.29 -30.89
CA GLY F 189 -28.53 25.06 -31.87
C GLY F 189 -30.02 24.69 -31.86
N ARG F 190 -30.38 23.56 -31.25
CA ARG F 190 -31.78 23.06 -31.17
C ARG F 190 -32.32 23.25 -29.74
N PHE F 191 -31.48 23.01 -28.73
CA PHE F 191 -31.81 23.11 -27.29
C PHE F 191 -31.26 24.43 -26.74
N THR F 192 -32.04 25.09 -25.88
CA THR F 192 -31.62 26.31 -25.14
C THR F 192 -31.92 26.12 -23.65
N ILE F 193 -30.89 26.30 -22.81
CA ILE F 193 -30.99 26.25 -21.32
C ILE F 193 -31.04 27.69 -20.82
N SER F 194 -31.86 27.95 -19.80
CA SER F 194 -32.00 29.27 -19.14
C SER F 194 -32.51 29.08 -17.71
N ARG F 195 -32.48 30.14 -16.91
CA ARG F 195 -32.90 30.12 -15.50
C ARG F 195 -33.69 31.39 -15.19
N ASP F 196 -34.76 31.27 -14.39
CA ASP F 196 -35.48 32.40 -13.77
C ASP F 196 -35.35 32.25 -12.25
N ASN F 197 -34.42 33.00 -11.65
CA ASN F 197 -34.07 32.89 -10.21
C ASN F 197 -35.27 33.29 -9.35
N SER F 198 -36.13 34.20 -9.84
CA SER F 198 -37.34 34.67 -9.11
C SER F 198 -38.39 33.55 -9.03
N LYS F 199 -38.38 32.62 -9.99
CA LYS F 199 -39.32 31.47 -10.01
C LYS F 199 -38.63 30.20 -9.50
N ASN F 200 -37.34 30.28 -9.14
CA ASN F 200 -36.49 29.12 -8.75
C ASN F 200 -36.58 28.04 -9.83
N THR F 201 -36.57 28.42 -11.10
CA THR F 201 -36.86 27.50 -12.23
C THR F 201 -35.69 27.44 -13.21
N LEU F 202 -35.35 26.22 -13.62
CA LEU F 202 -34.43 25.90 -14.75
C LEU F 202 -35.29 25.47 -15.94
N TYR F 203 -34.96 25.96 -17.14
CA TYR F 203 -35.72 25.70 -18.40
C TYR F 203 -34.82 24.99 -19.41
N LEU F 204 -35.42 24.10 -20.20
CA LEU F 204 -34.83 23.54 -21.45
C LEU F 204 -35.86 23.70 -22.58
N GLN F 205 -35.61 24.64 -23.49
CA GLN F 205 -36.39 24.82 -24.74
C GLN F 205 -35.81 23.85 -25.77
N MET F 206 -36.65 22.91 -26.25
CA MET F 206 -36.24 21.85 -27.19
C MET F 206 -36.96 22.07 -28.53
N ASN F 207 -36.20 22.34 -29.59
CA ASN F 207 -36.72 22.59 -30.96
C ASN F 207 -36.22 21.48 -31.90
N SER F 208 -36.98 21.24 -32.98
CA SER F 208 -36.65 20.28 -34.06
C SER F 208 -36.31 18.91 -33.45
N LEU F 209 -37.21 18.41 -32.59
CA LEU F 209 -37.00 17.16 -31.80
C LEU F 209 -36.97 15.96 -32.75
N ARG F 210 -36.04 15.04 -32.52
CA ARG F 210 -35.81 13.79 -33.32
C ARG F 210 -36.15 12.59 -32.45
N ALA F 211 -36.35 11.42 -33.07
CA ALA F 211 -36.65 10.13 -32.39
C ALA F 211 -35.57 9.84 -31.33
N GLU F 212 -34.32 10.22 -31.61
CA GLU F 212 -33.11 9.96 -30.76
C GLU F 212 -33.12 10.85 -29.51
N ASP F 213 -34.00 11.87 -29.44
CA ASP F 213 -34.16 12.77 -28.28
C ASP F 213 -35.15 12.17 -27.26
N THR F 214 -35.70 10.98 -27.53
CA THR F 214 -36.59 10.24 -26.61
C THR F 214 -35.78 9.79 -25.40
N ALA F 215 -36.20 10.18 -24.19
CA ALA F 215 -35.48 9.91 -22.92
C ALA F 215 -36.26 10.48 -21.74
N VAL F 216 -35.99 9.94 -20.54
CA VAL F 216 -36.28 10.62 -19.25
C VAL F 216 -35.26 11.75 -19.11
N TYR F 217 -35.73 13.00 -18.98
CA TYR F 217 -34.88 14.20 -18.79
C TYR F 217 -34.83 14.55 -17.31
N TYR F 218 -33.62 14.49 -16.74
CA TYR F 218 -33.32 14.80 -15.32
C TYR F 218 -32.75 16.22 -15.21
N CYS F 219 -33.26 16.95 -14.23
CA CYS F 219 -32.72 18.22 -13.68
C CYS F 219 -31.67 17.88 -12.62
N ALA F 220 -30.50 18.50 -12.65
CA ALA F 220 -29.42 18.26 -11.67
C ALA F 220 -28.77 19.58 -11.23
N LYS F 221 -28.66 19.78 -9.92
CA LYS F 221 -27.83 20.84 -9.30
C LYS F 221 -26.36 20.39 -9.31
N ARG F 222 -25.43 21.30 -9.60
CA ARG F 222 -23.98 21.03 -9.46
C ARG F 222 -23.52 21.39 -8.05
N GLY F 223 -22.72 20.52 -7.43
CA GLY F 223 -22.11 20.75 -6.10
C GLY F 223 -21.21 21.97 -6.09
N ALA F 224 -20.60 22.30 -7.23
CA ALA F 224 -19.86 23.55 -7.50
C ALA F 224 -19.95 23.88 -8.98
N ALA F 225 -19.61 25.11 -9.38
CA ALA F 225 -19.58 25.57 -10.79
C ALA F 225 -18.84 24.53 -11.64
N VAL F 226 -17.78 23.93 -11.10
CA VAL F 226 -16.88 22.97 -11.81
C VAL F 226 -17.06 21.55 -11.23
N GLY F 227 -18.11 21.31 -10.44
CA GLY F 227 -18.23 20.12 -9.59
C GLY F 227 -19.14 19.04 -10.17
N SER F 228 -19.36 17.98 -9.39
CA SER F 228 -20.26 16.84 -9.68
C SER F 228 -21.73 17.30 -9.69
N PHE F 229 -22.65 16.37 -9.99
CA PHE F 229 -24.11 16.55 -9.85
C PHE F 229 -24.52 15.99 -8.49
N ASP F 230 -24.83 16.85 -7.50
CA ASP F 230 -25.03 16.42 -6.10
C ASP F 230 -26.52 16.13 -5.81
N TYR F 231 -27.46 16.75 -6.53
CA TYR F 231 -28.91 16.50 -6.38
C TYR F 231 -29.56 16.38 -7.76
N TRP F 232 -30.45 15.39 -7.89
CA TRP F 232 -31.20 15.07 -9.13
C TRP F 232 -32.70 15.14 -8.84
N GLY F 233 -33.50 15.56 -9.82
CA GLY F 233 -34.97 15.47 -9.78
C GLY F 233 -35.41 14.08 -10.18
N GLN F 234 -36.72 13.79 -10.10
CA GLN F 234 -37.30 12.44 -10.38
C GLN F 234 -37.35 12.22 -11.89
N GLY F 235 -37.38 13.29 -12.69
CA GLY F 235 -37.30 13.25 -14.16
C GLY F 235 -38.66 13.42 -14.83
N THR F 236 -38.67 13.68 -16.14
CA THR F 236 -39.90 13.82 -16.96
C THR F 236 -39.62 13.15 -18.31
N LEU F 237 -40.54 12.28 -18.77
CA LEU F 237 -40.38 11.44 -19.97
C LEU F 237 -40.79 12.24 -21.21
N VAL F 238 -39.93 12.27 -22.22
CA VAL F 238 -40.18 12.86 -23.57
C VAL F 238 -40.07 11.74 -24.59
N THR F 239 -41.13 11.49 -25.37
CA THR F 239 -41.13 10.54 -26.52
C THR F 239 -41.36 11.31 -27.82
N VAL F 240 -40.65 10.93 -28.89
CA VAL F 240 -40.74 11.57 -30.23
C VAL F 240 -41.03 10.48 -31.27
N SER F 241 -42.11 10.64 -32.04
CA SER F 241 -42.49 9.89 -33.27
C SER F 241 -44.01 9.89 -33.45
#